data_9M2F
#
_entry.id   9M2F
#
_cell.length_a   1.00
_cell.length_b   1.00
_cell.length_c   1.00
_cell.angle_alpha   90.00
_cell.angle_beta   90.00
_cell.angle_gamma   90.00
#
_symmetry.space_group_name_H-M   'P 1'
#
loop_
_entity.id
_entity.type
_entity.pdbx_description
1 polymer 'Guanine nucleotide-binding protein G(I)/G(S)/G(T) subunit beta-1'
2 polymer 'Guanine nucleotide-binding protein G(I)/G(S)/G(O) subunit gamma-2'
3 polymer 'neuropeptide FF'
4 polymer 'Guanine nucleotide-binding protein G(i) subunit alpha-1'
5 polymer 'Neuropeptide FF receptor 1,Neuropeptide FF receptor 1,Lgbit'
6 polymer scfv16
#
loop_
_entity_poly.entity_id
_entity_poly.type
_entity_poly.pdbx_seq_one_letter_code
_entity_poly.pdbx_strand_id
1 'polypeptide(L)'
;MHHHHHHGSLLQSELDQLRQEAEQLKNQIRDARKACADATLSQITNNIDPVGRIQMRTRRTLRGHLAKIYAMHWGTDSRL
LVSASQDGKLIIWDSYTTNKVHAIPLRSSWVMTCAYAPSGNYVACGGLDNICSIYNLKTREGNVRVSRELAGHTGYLSCC
RFLDDNQIVTSSGDTTCALWDIETGQQTTTFTGHTGDVMSLSLAPDTRLFVSGACDASAKLWDVREGMCRQTFTGHESDI
NAICFFPNGNAFATGSDDATCRLFDLRADQELMTYSHDNIICGITSVSFSKSGRLLLAGYDDFNCNVWDALKADRAGVLA
GHDNRVSCLGVTDDGMAVATGSWDSFLKIWNGSSGGGGSGGGGSSG
;
B
2 'polypeptide(L)' MASNNTASIAQARKLVEQLKMEANIDRIKVSKAAADLMAYCEAHAKEDPLLTPVPASENPFREKKFFCAIL G
3 'polypeptide(L)' LFQPQRF(NH2) L
4 'polypeptide(L)'
;MGCTLSAEDKAAVERSKMIDRNLREDGEKAAREVKLLLLGAGESGKSTIVKQMKIIHEAGYSEEECKQYKAVVYSNTIQS
IIAIIRAMGRLKIDFGDSARADDARQLFVLAGAAEEGFMTAELAGVIKRLWKDSGVQACFNRSREYQLNDSAAYYLNDLD
RIAQPNYIPTQQDVLRTRVKTTGIVETHFTFKDLHFKMFDVGAQRSERKKWIHCFEGVTAIIFCVALSDYDLVLAEDEEM
NRMHESMKLFDSICNNKWFTDTSIILFLNKKDLFEEKIKKSPLTICYPEYAGSNTYEEAAAYIQCQFEDLNKRKDTKEIY
THFTCSTDTKNVQFVFDAVTDVIIKNNLKDCGLF
;
A
5 'polypeptide(L)'
;MEGEPSQPPNSSWPLSQNGTNTEATPATNLTFSSYYQHTSPVAAMFIVAYALIFLLCMVGNTLVCFIVLKNRHMHTVTNM
FILNLAVSDLLVGIFCMPTTLVDNLITGWPFDNATCKMSGLVQGMSVSASVFTLVAIAVERFRCIVHPFREKLTLRKALV
TIAVIWALALLIMCPSAVTLTVTREEHHFMVDARNRSYPLYSCWEAWPEKGMRRVYTTVLFSHIYLAPLALIVVMYARIA
RKLCQAPGPAPGGEEAADPRASRRRARVVHMLVMVALFFTLSWLPLWALLLLIDYGQLSAPQLHLVTVYAFPFAHWLAFF
NSSANPIIYGYFNENFRRGFQAAFRARLCPRPSGSHKEAYSERGSSGGGGSGGGGSSGVFTLEDFVGDWEQTAAYNLDQV
LEQGGVSSLLQNLAVSVTPIQRIVRSGENALKIDIHVIIPYEGLSADQMAQIEEVFKVVYPVDDHHFKVILPYGTLVIDG
VTPNMLNYFGRPYEGIAVFDGKKITVTGTLWNGNKIIDERLITPDGSMLFRVTINS
;
R
6 'polypeptide(L)'
;VQLVESGGGLVQPGGSRKLSCSASGFAFSSFGMHWVRQAPEKGLEWVAYISSGSGTIYYADTVKGRFTISRDDPKNTLFL
QMTSLRSEDTAMYYCVRSIYYYGSSPFDFWGQGTTLTVSAGGGGSGGGGSGGGGSADIVMTQATSSVPVTPGESVSISCR
SSKSLLHSNGNTYLYWFLQRPGQSPQLLIYRMSNLASGVPDRFSGSGSGTAFTLTISRLEAEDVGVYYCMQHLEYPLTFG
AGTKLEL
;
S
#
loop_
_chem_comp.id
_chem_comp.type
_chem_comp.name
_chem_comp.formula
NH2 non-polymer 'AMINO GROUP' 'H2 N'
#
# COMPACT_ATOMS: atom_id res chain seq x y z
N SER A 13 -37.89 -4.02 -43.92
CA SER A 13 -37.33 -4.96 -44.88
C SER A 13 -35.85 -4.66 -45.14
N GLU A 14 -35.53 -3.36 -45.23
CA GLU A 14 -34.14 -2.96 -45.45
C GLU A 14 -33.26 -3.38 -44.27
N LEU A 15 -33.75 -3.18 -43.05
CA LEU A 15 -33.01 -3.64 -41.88
C LEU A 15 -32.85 -5.16 -41.89
N ASP A 16 -33.89 -5.87 -42.33
CA ASP A 16 -33.81 -7.34 -42.38
C ASP A 16 -32.75 -7.79 -43.38
N GLN A 17 -32.71 -7.18 -44.57
CA GLN A 17 -31.71 -7.60 -45.54
C GLN A 17 -30.31 -7.18 -45.12
N LEU A 18 -30.18 -6.04 -44.44
CA LEU A 18 -28.88 -5.66 -43.91
C LEU A 18 -28.40 -6.65 -42.85
N ARG A 19 -29.31 -7.10 -41.98
CA ARG A 19 -28.94 -8.12 -40.99
C ARG A 19 -28.56 -9.43 -41.67
N GLN A 20 -29.29 -9.80 -42.73
CA GLN A 20 -28.94 -11.00 -43.49
C GLN A 20 -27.55 -10.88 -44.09
N GLU A 21 -27.23 -9.72 -44.67
CA GLU A 21 -25.91 -9.50 -45.24
C GLU A 21 -24.85 -9.58 -44.16
N ALA A 22 -25.14 -9.00 -42.99
CA ALA A 22 -24.19 -9.02 -41.88
C ALA A 22 -23.88 -10.45 -41.43
N GLU A 23 -24.94 -11.26 -41.23
CA GLU A 23 -24.68 -12.63 -40.78
C GLU A 23 -24.03 -13.48 -41.87
N GLN A 24 -24.35 -13.19 -43.14
CA GLN A 24 -23.67 -13.89 -44.23
C GLN A 24 -22.18 -13.58 -44.21
N LEU A 25 -21.82 -12.31 -44.02
CA LEU A 25 -20.41 -11.95 -43.95
C LEU A 25 -19.73 -12.58 -42.74
N LYS A 26 -20.43 -12.62 -41.59
CA LYS A 26 -19.86 -13.25 -40.41
C LYS A 26 -19.61 -14.74 -40.64
N ASN A 27 -20.56 -15.43 -41.28
CA ASN A 27 -20.37 -16.83 -41.59
C ASN A 27 -19.23 -17.04 -42.58
N GLN A 28 -19.10 -16.13 -43.56
CA GLN A 28 -17.99 -16.20 -44.50
C GLN A 28 -16.66 -16.03 -43.79
N ILE A 29 -16.61 -15.10 -42.83
CA ILE A 29 -15.38 -14.90 -42.04
C ILE A 29 -15.04 -16.16 -41.26
N ARG A 30 -16.06 -16.78 -40.65
CA ARG A 30 -15.81 -18.02 -39.90
C ARG A 30 -15.32 -19.12 -40.82
N ASP A 31 -15.91 -19.25 -42.01
CA ASP A 31 -15.46 -20.25 -42.97
C ASP A 31 -14.03 -20.01 -43.41
N ALA A 32 -13.67 -18.74 -43.67
CA ALA A 32 -12.30 -18.43 -44.05
C ALA A 32 -11.33 -18.77 -42.93
N ARG A 33 -11.70 -18.46 -41.69
CA ARG A 33 -10.82 -18.75 -40.55
C ARG A 33 -10.62 -20.25 -40.39
N LYS A 34 -11.71 -21.03 -40.44
CA LYS A 34 -11.57 -22.48 -40.35
C LYS A 34 -10.86 -23.06 -41.56
N ALA A 35 -10.86 -22.35 -42.69
CA ALA A 35 -10.09 -22.80 -43.83
C ALA A 35 -8.60 -22.60 -43.62
N CYS A 36 -8.20 -21.44 -43.10
CA CYS A 36 -6.78 -21.25 -42.83
C CYS A 36 -6.31 -21.98 -41.58
N ALA A 37 -7.23 -22.52 -40.78
CA ALA A 37 -6.86 -23.29 -39.60
C ALA A 37 -6.64 -24.74 -40.02
N ASP A 38 -5.40 -25.22 -39.88
CA ASP A 38 -5.06 -26.61 -40.19
C ASP A 38 -4.50 -27.38 -39.01
N ALA A 39 -3.54 -26.81 -38.28
CA ALA A 39 -2.90 -27.49 -37.17
C ALA A 39 -2.86 -26.56 -35.97
N THR A 40 -3.05 -27.13 -34.78
CA THR A 40 -3.08 -26.32 -33.57
C THR A 40 -1.67 -26.00 -33.09
N LEU A 41 -1.56 -24.87 -32.38
CA LEU A 41 -0.29 -24.47 -31.82
C LEU A 41 0.24 -25.48 -30.82
N SER A 42 -0.65 -26.08 -30.01
CA SER A 42 -0.22 -27.10 -29.06
C SER A 42 0.36 -28.31 -29.79
N GLN A 43 -0.28 -28.72 -30.89
CA GLN A 43 0.26 -29.81 -31.70
C GLN A 43 1.62 -29.43 -32.27
N ILE A 44 1.76 -28.20 -32.76
CA ILE A 44 2.99 -27.80 -33.45
C ILE A 44 4.15 -27.72 -32.48
N THR A 45 3.93 -27.20 -31.27
CA THR A 45 4.96 -27.15 -30.25
C THR A 45 4.89 -28.31 -29.27
N ASN A 46 4.29 -29.42 -29.67
CA ASN A 46 4.20 -30.58 -28.79
C ASN A 46 5.58 -31.17 -28.50
N ASN A 47 6.45 -31.22 -29.50
CA ASN A 47 7.74 -31.86 -29.36
C ASN A 47 8.80 -30.98 -28.73
N ILE A 48 8.52 -29.69 -28.54
CA ILE A 48 9.52 -28.80 -27.93
C ILE A 48 9.61 -29.06 -26.43
N ASP A 49 10.76 -28.72 -25.87
CA ASP A 49 10.96 -28.94 -24.44
C ASP A 49 10.20 -27.89 -23.63
N PRO A 50 9.65 -28.27 -22.49
CA PRO A 50 8.98 -27.30 -21.63
C PRO A 50 9.89 -26.72 -20.54
N VAL A 51 9.67 -25.44 -20.26
CA VAL A 51 10.46 -24.77 -19.24
C VAL A 51 10.14 -25.36 -17.87
N GLY A 52 11.12 -25.32 -16.98
CA GLY A 52 10.94 -25.86 -15.65
C GLY A 52 10.07 -24.97 -14.80
N ARG A 53 9.87 -25.40 -13.55
CA ARG A 53 9.09 -24.62 -12.61
C ARG A 53 9.76 -23.27 -12.37
N ILE A 54 9.10 -22.19 -12.78
CA ILE A 54 9.66 -20.86 -12.60
C ILE A 54 9.69 -20.52 -11.11
N GLN A 55 10.83 -20.01 -10.64
CA GLN A 55 11.05 -19.84 -9.21
C GLN A 55 11.26 -18.37 -8.85
N MET A 56 10.38 -17.50 -9.33
CA MET A 56 10.44 -16.09 -8.97
C MET A 56 10.42 -15.92 -7.46
N ARG A 57 11.28 -15.01 -6.98
CA ARG A 57 11.33 -14.63 -5.58
C ARG A 57 11.20 -13.12 -5.48
N THR A 58 10.44 -12.66 -4.50
CA THR A 58 10.28 -11.21 -4.31
C THR A 58 11.63 -10.58 -4.02
N ARG A 59 12.03 -9.64 -4.86
CA ARG A 59 13.28 -8.92 -4.70
C ARG A 59 13.10 -7.55 -4.06
N ARG A 60 12.03 -6.84 -4.42
CA ARG A 60 11.72 -5.55 -3.80
C ARG A 60 10.26 -5.50 -3.40
N THR A 61 9.98 -4.75 -2.33
CA THR A 61 8.62 -4.54 -1.85
C THR A 61 8.39 -3.05 -1.72
N LEU A 62 7.88 -2.43 -2.77
CA LEU A 62 7.56 -1.01 -2.75
C LEU A 62 6.33 -0.77 -1.89
N ARG A 63 6.51 -0.01 -0.81
CA ARG A 63 5.45 0.34 0.12
C ARG A 63 5.30 1.85 0.19
N GLY A 64 4.13 2.31 0.59
CA GLY A 64 3.86 3.73 0.68
C GLY A 64 2.46 4.09 0.21
N HIS A 65 1.93 3.31 -0.73
CA HIS A 65 0.55 3.51 -1.16
C HIS A 65 -0.39 3.14 -0.02
N LEU A 66 -1.49 3.89 0.09
CA LEU A 66 -2.44 3.70 1.18
C LEU A 66 -3.81 3.21 0.71
N ALA A 67 -3.93 2.79 -0.54
CA ALA A 67 -5.20 2.27 -1.04
C ALA A 67 -4.92 1.31 -2.19
N LYS A 68 -5.98 0.70 -2.71
CA LYS A 68 -5.87 -0.34 -3.73
C LYS A 68 -5.09 0.14 -4.95
N ILE A 69 -3.98 -0.53 -5.26
CA ILE A 69 -3.17 -0.15 -6.41
C ILE A 69 -3.92 -0.55 -7.68
N TYR A 70 -4.13 0.42 -8.56
CA TYR A 70 -4.92 0.20 -9.76
C TYR A 70 -4.12 0.27 -11.05
N ALA A 71 -2.97 0.93 -11.07
CA ALA A 71 -2.21 1.03 -12.31
C ALA A 71 -0.73 1.05 -12.00
N MET A 72 0.06 0.51 -12.94
CA MET A 72 1.51 0.52 -12.83
C MET A 72 2.11 0.35 -14.21
N HIS A 73 3.14 1.13 -14.52
CA HIS A 73 3.81 1.07 -15.80
C HIS A 73 5.31 1.22 -15.61
N TRP A 74 6.07 0.35 -16.28
CA TRP A 74 7.53 0.42 -16.24
C TRP A 74 8.04 1.53 -17.14
N GLY A 75 9.09 2.20 -16.70
CA GLY A 75 9.79 3.14 -17.56
C GLY A 75 10.60 2.42 -18.62
N THR A 76 11.02 3.20 -19.63
CA THR A 76 11.80 2.62 -20.72
C THR A 76 13.19 2.21 -20.26
N ASP A 77 13.75 2.91 -19.29
CA ASP A 77 15.06 2.57 -18.74
C ASP A 77 15.03 1.32 -17.87
N SER A 78 13.83 0.79 -17.59
CA SER A 78 13.67 -0.43 -16.80
C SER A 78 14.17 -0.27 -15.38
N ARG A 79 14.15 0.96 -14.86
CA ARG A 79 14.51 1.19 -13.48
C ARG A 79 13.42 1.99 -12.76
N LEU A 80 12.82 2.94 -13.47
CA LEU A 80 11.77 3.78 -12.91
C LEU A 80 10.41 3.23 -13.29
N LEU A 81 9.48 3.22 -12.34
CA LEU A 81 8.13 2.78 -12.60
C LEU A 81 7.15 3.76 -11.96
N VAL A 82 5.93 3.80 -12.51
CA VAL A 82 4.90 4.73 -12.05
C VAL A 82 3.68 3.93 -11.62
N SER A 83 3.12 4.27 -10.46
CA SER A 83 1.99 3.56 -9.90
C SER A 83 0.91 4.52 -9.42
N ALA A 84 -0.34 4.09 -9.56
CA ALA A 84 -1.51 4.81 -9.10
C ALA A 84 -2.39 3.87 -8.30
N SER A 85 -2.88 4.36 -7.15
CA SER A 85 -3.56 3.47 -6.21
C SER A 85 -4.81 4.09 -5.60
N GLN A 86 -5.45 5.03 -6.30
CA GLN A 86 -6.73 5.59 -5.87
C GLN A 86 -6.68 6.15 -4.44
N ASP A 87 -5.56 6.79 -4.11
CA ASP A 87 -5.47 7.59 -2.89
C ASP A 87 -5.09 9.03 -3.20
N GLY A 88 -5.26 9.47 -4.44
CA GLY A 88 -4.82 10.79 -4.83
C GLY A 88 -3.34 10.92 -5.04
N LYS A 89 -2.64 9.80 -5.23
CA LYS A 89 -1.19 9.81 -5.34
C LYS A 89 -0.74 9.08 -6.60
N LEU A 90 0.27 9.64 -7.25
CA LEU A 90 0.92 9.06 -8.42
C LEU A 90 2.39 8.94 -8.05
N ILE A 91 2.82 7.74 -7.68
CA ILE A 91 4.15 7.55 -7.10
C ILE A 91 5.09 6.97 -8.16
N ILE A 92 6.25 7.61 -8.32
CA ILE A 92 7.29 7.12 -9.21
C ILE A 92 8.40 6.53 -8.36
N TRP A 93 8.68 5.25 -8.58
CA TRP A 93 9.66 4.49 -7.81
C TRP A 93 10.91 4.24 -8.63
N ASP A 94 12.06 4.48 -7.99
CA ASP A 94 13.35 3.94 -8.38
C ASP A 94 13.39 2.54 -7.78
N SER A 95 13.23 1.53 -8.63
CA SER A 95 13.07 0.16 -8.15
C SER A 95 14.39 -0.43 -7.67
N TYR A 96 15.52 0.03 -8.23
CA TYR A 96 16.81 -0.55 -7.86
C TYR A 96 17.10 -0.33 -6.37
N THR A 97 16.84 0.88 -5.88
CA THR A 97 17.09 1.20 -4.48
C THR A 97 15.82 1.35 -3.65
N THR A 98 14.65 1.12 -4.25
CA THR A 98 13.36 1.23 -3.56
C THR A 98 13.15 2.65 -3.01
N ASN A 99 13.32 3.63 -3.89
CA ASN A 99 13.14 5.03 -3.51
C ASN A 99 11.95 5.63 -4.23
N LYS A 100 11.45 6.74 -3.70
CA LYS A 100 10.36 7.49 -4.31
C LYS A 100 10.95 8.78 -4.89
N VAL A 101 11.02 8.85 -6.23
CA VAL A 101 11.57 10.05 -6.84
C VAL A 101 10.53 11.15 -6.99
N HIS A 102 9.24 10.79 -7.02
CA HIS A 102 8.17 11.77 -7.10
C HIS A 102 6.91 11.20 -6.45
N ALA A 103 6.05 12.10 -6.00
CA ALA A 103 4.74 11.73 -5.44
C ALA A 103 3.76 12.80 -5.92
N ILE A 104 3.09 12.51 -7.03
CA ILE A 104 2.25 13.48 -7.71
C ILE A 104 0.85 13.42 -7.11
N PRO A 105 0.35 14.50 -6.50
CA PRO A 105 -1.04 14.52 -6.06
C PRO A 105 -1.99 14.48 -7.24
N LEU A 106 -3.16 13.90 -7.01
CA LEU A 106 -4.16 13.71 -8.06
C LEU A 106 -5.37 14.57 -7.75
N ARG A 107 -5.87 15.28 -8.78
CA ARG A 107 -7.10 16.03 -8.61
C ARG A 107 -8.29 15.11 -8.36
N SER A 108 -8.37 14.01 -9.11
CA SER A 108 -9.40 12.99 -8.93
C SER A 108 -8.75 11.71 -8.45
N SER A 109 -9.21 11.19 -7.32
CA SER A 109 -8.63 10.02 -6.68
C SER A 109 -9.25 8.72 -7.16
N TRP A 110 -9.84 8.70 -8.35
CA TRP A 110 -10.48 7.52 -8.92
C TRP A 110 -9.73 7.03 -10.16
N VAL A 111 -8.40 7.07 -10.10
CA VAL A 111 -7.57 6.69 -11.23
C VAL A 111 -7.69 5.20 -11.51
N MET A 112 -7.74 4.86 -12.79
CA MET A 112 -7.81 3.47 -13.22
C MET A 112 -6.70 3.08 -14.18
N THR A 113 -5.84 4.01 -14.59
CA THR A 113 -4.82 3.71 -15.58
C THR A 113 -3.61 4.62 -15.38
N CYS A 114 -2.48 4.20 -15.93
CA CYS A 114 -1.25 4.97 -15.90
C CYS A 114 -0.44 4.69 -17.16
N ALA A 115 0.48 5.60 -17.45
CA ALA A 115 1.38 5.43 -18.58
C ALA A 115 2.65 6.22 -18.31
N TYR A 116 3.79 5.64 -18.68
CA TYR A 116 5.08 6.29 -18.61
C TYR A 116 5.55 6.55 -20.03
N ALA A 117 5.86 7.82 -20.33
CA ALA A 117 6.25 8.18 -21.68
C ALA A 117 7.54 7.46 -22.06
N PRO A 118 7.67 6.99 -23.30
CA PRO A 118 8.92 6.31 -23.70
C PRO A 118 10.14 7.20 -23.56
N SER A 119 9.99 8.51 -23.78
CA SER A 119 11.09 9.44 -23.56
C SER A 119 11.36 9.68 -22.08
N GLY A 120 10.42 9.36 -21.21
CA GLY A 120 10.62 9.49 -19.78
C GLY A 120 10.37 10.86 -19.20
N ASN A 121 9.82 11.79 -19.97
CA ASN A 121 9.58 13.13 -19.48
C ASN A 121 8.15 13.36 -18.99
N TYR A 122 7.19 12.57 -19.44
CA TYR A 122 5.79 12.79 -19.10
C TYR A 122 5.20 11.51 -18.48
N VAL A 123 4.18 11.70 -17.66
CA VAL A 123 3.46 10.60 -17.02
C VAL A 123 1.96 10.82 -17.20
N ALA A 124 1.25 9.79 -17.61
CA ALA A 124 -0.18 9.90 -17.87
C ALA A 124 -0.99 9.34 -16.71
N CYS A 125 -2.19 9.89 -16.55
CA CYS A 125 -3.11 9.45 -15.52
C CYS A 125 -4.54 9.65 -16.03
N GLY A 126 -5.47 8.94 -15.42
CA GLY A 126 -6.86 9.05 -15.81
C GLY A 126 -7.76 8.08 -15.08
N GLY A 127 -9.03 8.40 -14.96
CA GLY A 127 -9.93 7.55 -14.21
C GLY A 127 -11.40 7.78 -14.50
N LEU A 128 -12.22 7.77 -13.44
CA LEU A 128 -13.65 7.97 -13.59
C LEU A 128 -14.03 9.38 -13.98
N ASP A 129 -13.07 10.31 -13.98
CA ASP A 129 -13.33 11.70 -14.33
C ASP A 129 -13.36 11.94 -15.84
N ASN A 130 -13.24 10.88 -16.64
CA ASN A 130 -13.32 10.95 -18.10
C ASN A 130 -12.20 11.80 -18.70
N ILE A 131 -11.14 12.05 -17.94
CA ILE A 131 -10.12 13.02 -18.31
C ILE A 131 -8.76 12.35 -18.25
N CYS A 132 -7.96 12.55 -19.29
CA CYS A 132 -6.57 12.11 -19.32
C CYS A 132 -5.68 13.29 -18.94
N SER A 133 -4.96 13.16 -17.83
CA SER A 133 -4.08 14.20 -17.35
C SER A 133 -2.63 13.82 -17.63
N ILE A 134 -1.87 14.76 -18.20
CA ILE A 134 -0.46 14.57 -18.47
C ILE A 134 0.33 15.38 -17.45
N TYR A 135 1.38 14.79 -16.90
CA TYR A 135 2.20 15.42 -15.88
C TYR A 135 3.63 15.52 -16.37
N ASN A 136 4.22 16.70 -16.21
CA ASN A 136 5.56 16.99 -16.70
C ASN A 136 6.56 16.72 -15.58
N LEU A 137 7.48 15.78 -15.82
CA LEU A 137 8.49 15.45 -14.83
C LEU A 137 9.70 16.38 -14.93
N LYS A 138 10.28 16.48 -16.12
CA LYS A 138 11.46 17.32 -16.35
C LYS A 138 11.01 18.76 -16.50
N THR A 139 11.01 19.49 -15.38
CA THR A 139 10.62 20.89 -15.35
C THR A 139 11.65 21.69 -14.58
N ARG A 140 11.78 22.97 -14.93
CA ARG A 140 12.76 23.82 -14.26
C ARG A 140 12.35 24.14 -12.83
N GLU A 141 11.05 24.25 -12.56
CA GLU A 141 10.60 24.54 -11.20
C GLU A 141 10.89 23.40 -10.23
N GLY A 142 11.07 22.18 -10.72
CA GLY A 142 11.43 21.06 -9.90
C GLY A 142 10.26 20.23 -9.39
N ASN A 143 9.03 20.70 -9.57
CA ASN A 143 7.85 19.99 -9.11
C ASN A 143 7.00 19.57 -10.30
N VAL A 144 6.46 18.35 -10.23
CA VAL A 144 5.63 17.84 -11.31
C VAL A 144 4.33 18.63 -11.38
N ARG A 145 3.98 19.07 -12.59
CA ARG A 145 2.78 19.87 -12.81
C ARG A 145 2.03 19.37 -14.02
N VAL A 146 0.73 19.68 -14.06
CA VAL A 146 -0.13 19.24 -15.16
C VAL A 146 0.22 20.04 -16.41
N SER A 147 0.44 19.34 -17.51
CA SER A 147 0.76 19.95 -18.79
C SER A 147 -0.47 20.14 -19.65
N ARG A 148 -1.28 19.08 -19.80
CA ARG A 148 -2.47 19.15 -20.64
C ARG A 148 -3.50 18.18 -20.07
N GLU A 149 -4.64 18.71 -19.64
CA GLU A 149 -5.73 17.89 -19.10
C GLU A 149 -6.71 17.62 -20.24
N LEU A 150 -6.51 16.50 -20.93
CA LEU A 150 -7.34 16.15 -22.07
C LEU A 150 -8.75 15.78 -21.62
N ALA A 151 -9.74 16.28 -22.36
CA ALA A 151 -11.14 15.98 -22.07
C ALA A 151 -11.90 15.81 -23.37
N GLY A 152 -12.99 15.08 -23.30
CA GLY A 152 -13.80 14.81 -24.49
C GLY A 152 -14.41 13.43 -24.49
N HIS A 153 -13.96 12.58 -23.56
CA HIS A 153 -14.55 11.25 -23.41
C HIS A 153 -15.79 11.34 -22.55
N THR A 154 -16.76 10.48 -22.87
CA THR A 154 -18.01 10.38 -22.11
C THR A 154 -18.06 9.10 -21.29
N GLY A 155 -16.90 8.58 -20.91
CA GLY A 155 -16.83 7.37 -20.11
C GLY A 155 -15.51 7.30 -19.40
N TYR A 156 -15.48 6.49 -18.34
CA TYR A 156 -14.26 6.36 -17.53
C TYR A 156 -13.11 5.84 -18.37
N LEU A 157 -11.93 6.43 -18.18
CA LEU A 157 -10.75 5.94 -18.88
C LEU A 157 -10.24 4.67 -18.21
N SER A 158 -10.04 3.62 -19.01
CA SER A 158 -9.57 2.35 -18.50
C SER A 158 -8.12 2.05 -18.85
N CYS A 159 -7.59 2.64 -19.91
CA CYS A 159 -6.20 2.44 -20.28
C CYS A 159 -5.73 3.64 -21.09
N CYS A 160 -4.52 4.12 -20.77
CA CYS A 160 -3.86 5.16 -21.52
C CYS A 160 -2.42 4.76 -21.78
N ARG A 161 -1.93 5.06 -22.98
CA ARG A 161 -0.57 4.69 -23.36
C ARG A 161 0.02 5.79 -24.24
N PHE A 162 1.35 5.89 -24.22
CA PHE A 162 2.07 6.93 -24.94
C PHE A 162 2.65 6.40 -26.24
N LEU A 163 2.47 7.18 -27.31
CA LEU A 163 3.18 6.93 -28.56
C LEU A 163 4.50 7.71 -28.59
N ASP A 164 4.45 9.00 -28.30
CA ASP A 164 5.62 9.84 -28.14
C ASP A 164 5.25 10.98 -27.20
N ASP A 165 6.11 11.99 -27.13
CA ASP A 165 5.90 13.08 -26.19
C ASP A 165 4.70 13.96 -26.53
N ASN A 166 4.10 13.80 -27.73
CA ASN A 166 3.02 14.67 -28.15
C ASN A 166 1.79 13.90 -28.63
N GLN A 167 1.75 12.59 -28.48
CA GLN A 167 0.62 11.79 -28.92
C GLN A 167 0.36 10.66 -27.93
N ILE A 168 -0.91 10.46 -27.58
CA ILE A 168 -1.29 9.27 -26.83
C ILE A 168 -2.54 8.66 -27.46
N VAL A 169 -2.86 7.44 -27.03
CA VAL A 169 -4.10 6.78 -27.38
C VAL A 169 -4.76 6.32 -26.08
N THR A 170 -6.00 6.74 -25.86
CA THR A 170 -6.71 6.49 -24.63
C THR A 170 -7.96 5.67 -24.91
N SER A 171 -8.17 4.64 -24.08
CA SER A 171 -9.34 3.78 -24.15
C SER A 171 -10.25 4.13 -22.98
N SER A 172 -11.53 4.36 -23.26
CA SER A 172 -12.45 4.87 -22.25
C SER A 172 -13.71 4.04 -22.21
N GLY A 173 -14.55 4.35 -21.22
CA GLY A 173 -15.79 3.63 -20.98
C GLY A 173 -16.95 4.01 -21.88
N ASP A 174 -16.75 4.93 -22.81
CA ASP A 174 -17.76 5.30 -23.78
C ASP A 174 -17.73 4.46 -25.03
N THR A 175 -17.19 3.23 -24.93
CA THR A 175 -17.13 2.26 -26.04
C THR A 175 -16.30 2.76 -27.20
N THR A 176 -15.42 3.74 -27.00
CA THR A 176 -14.60 4.28 -28.06
C THR A 176 -13.17 4.45 -27.56
N CYS A 177 -12.24 4.53 -28.51
CA CYS A 177 -10.86 4.90 -28.24
C CYS A 177 -10.56 6.22 -28.93
N ALA A 178 -9.55 6.93 -28.46
CA ALA A 178 -9.22 8.22 -29.04
C ALA A 178 -7.72 8.45 -29.05
N LEU A 179 -7.19 8.82 -30.21
CA LEU A 179 -5.81 9.27 -30.34
C LEU A 179 -5.78 10.78 -30.19
N TRP A 180 -5.09 11.25 -29.15
CA TRP A 180 -5.00 12.64 -28.77
C TRP A 180 -3.61 13.20 -29.09
N ASP A 181 -3.61 14.44 -29.59
CA ASP A 181 -2.42 15.25 -29.76
C ASP A 181 -2.26 16.09 -28.50
N ILE A 182 -1.15 15.91 -27.79
CA ILE A 182 -0.95 16.57 -26.50
C ILE A 182 -0.89 18.09 -26.68
N GLU A 183 -0.16 18.56 -27.69
CA GLU A 183 0.06 19.99 -27.84
C GLU A 183 -1.26 20.74 -28.06
N THR A 184 -2.12 20.22 -28.94
CA THR A 184 -3.39 20.87 -29.23
C THR A 184 -4.48 20.50 -28.24
N GLY A 185 -4.36 19.35 -27.58
CA GLY A 185 -5.38 18.92 -26.64
C GLY A 185 -6.67 18.48 -27.29
N GLN A 186 -6.61 17.96 -28.52
CA GLN A 186 -7.79 17.56 -29.26
C GLN A 186 -7.66 16.11 -29.69
N GLN A 187 -8.82 15.45 -29.85
CA GLN A 187 -8.84 14.08 -30.37
C GLN A 187 -8.52 14.13 -31.85
N THR A 188 -7.25 13.96 -32.19
CA THR A 188 -6.88 13.96 -33.61
C THR A 188 -7.40 12.73 -34.33
N THR A 189 -7.83 11.70 -33.61
CA THR A 189 -8.47 10.56 -34.25
C THR A 189 -9.39 9.90 -33.23
N THR A 190 -10.52 9.36 -33.70
CA THR A 190 -11.44 8.61 -32.85
C THR A 190 -11.75 7.26 -33.48
N PHE A 191 -11.66 6.21 -32.68
CA PHE A 191 -11.91 4.84 -33.10
C PHE A 191 -13.20 4.35 -32.46
N THR A 192 -14.15 3.96 -33.30
CA THR A 192 -15.45 3.49 -32.84
C THR A 192 -15.75 2.15 -33.48
N GLY A 193 -16.64 1.38 -32.84
CA GLY A 193 -17.03 0.09 -33.37
C GLY A 193 -17.28 -0.96 -32.30
N HIS A 194 -16.95 -0.65 -31.06
CA HIS A 194 -17.18 -1.56 -29.94
C HIS A 194 -18.54 -1.29 -29.33
N THR A 195 -19.33 -2.35 -29.15
CA THR A 195 -20.66 -2.19 -28.55
C THR A 195 -20.55 -1.88 -27.07
N GLY A 196 -19.67 -2.57 -26.35
CA GLY A 196 -19.46 -2.33 -24.94
C GLY A 196 -18.23 -1.48 -24.69
N ASP A 197 -18.11 -1.04 -23.44
CA ASP A 197 -16.99 -0.19 -23.05
C ASP A 197 -15.68 -0.98 -23.08
N VAL A 198 -14.62 -0.31 -23.50
CA VAL A 198 -13.31 -0.95 -23.60
C VAL A 198 -12.60 -0.84 -22.25
N MET A 199 -11.79 -1.86 -21.94
CA MET A 199 -11.15 -1.96 -20.64
C MET A 199 -9.63 -2.06 -20.70
N SER A 200 -9.04 -2.30 -21.87
CA SER A 200 -7.59 -2.42 -21.96
C SER A 200 -7.15 -2.04 -23.36
N LEU A 201 -5.84 -1.83 -23.50
CA LEU A 201 -5.28 -1.31 -24.74
C LEU A 201 -3.76 -1.50 -24.71
N SER A 202 -3.19 -1.87 -25.86
CA SER A 202 -1.76 -2.07 -25.98
C SER A 202 -1.33 -1.80 -27.42
N LEU A 203 -0.14 -1.23 -27.58
CA LEU A 203 0.37 -0.86 -28.88
C LEU A 203 1.35 -1.90 -29.40
N ALA A 204 1.53 -1.91 -30.72
CA ALA A 204 2.56 -2.72 -31.34
C ALA A 204 3.94 -2.14 -31.00
N PRO A 205 4.99 -2.94 -31.10
CA PRO A 205 6.34 -2.42 -30.82
C PRO A 205 6.73 -1.23 -31.69
N ASP A 206 6.22 -1.16 -32.92
CA ASP A 206 6.51 -0.04 -33.80
C ASP A 206 5.49 1.10 -33.66
N THR A 207 4.54 0.97 -32.74
CA THR A 207 3.53 2.00 -32.48
C THR A 207 2.78 2.40 -33.75
N ARG A 208 2.47 1.41 -34.58
CA ARG A 208 1.72 1.61 -35.81
C ARG A 208 0.28 1.12 -35.70
N LEU A 209 0.09 -0.06 -35.13
CA LEU A 209 -1.22 -0.64 -34.89
C LEU A 209 -1.38 -0.87 -33.39
N PHE A 210 -2.63 -0.89 -32.91
CA PHE A 210 -2.85 -1.17 -31.51
C PHE A 210 -4.14 -1.96 -31.32
N VAL A 211 -4.13 -2.85 -30.33
CA VAL A 211 -5.29 -3.68 -30.03
C VAL A 211 -5.98 -3.14 -28.79
N SER A 212 -7.29 -3.37 -28.72
CA SER A 212 -8.09 -2.91 -27.59
C SER A 212 -9.17 -3.94 -27.30
N GLY A 213 -9.26 -4.36 -26.04
CA GLY A 213 -10.28 -5.29 -25.59
C GLY A 213 -11.40 -4.56 -24.88
N ALA A 214 -12.62 -5.08 -25.02
CA ALA A 214 -13.81 -4.42 -24.51
C ALA A 214 -14.67 -5.41 -23.76
N CYS A 215 -15.72 -4.89 -23.12
CA CYS A 215 -16.71 -5.73 -22.47
C CYS A 215 -17.59 -6.47 -23.47
N ASP A 216 -17.48 -6.12 -24.76
CA ASP A 216 -18.19 -6.80 -25.84
C ASP A 216 -17.64 -8.20 -26.08
N ALA A 217 -16.66 -8.64 -25.29
CA ALA A 217 -16.01 -9.95 -25.44
C ALA A 217 -15.32 -10.05 -26.80
N SER A 218 -14.83 -8.92 -27.30
CA SER A 218 -14.12 -8.87 -28.57
C SER A 218 -12.91 -7.97 -28.43
N ALA A 219 -11.85 -8.30 -29.16
CA ALA A 219 -10.64 -7.50 -29.18
C ALA A 219 -10.42 -6.99 -30.60
N LYS A 220 -10.37 -5.67 -30.76
CA LYS A 220 -10.26 -5.05 -32.07
C LYS A 220 -8.87 -4.47 -32.25
N LEU A 221 -8.22 -4.82 -33.34
CA LEU A 221 -6.96 -4.22 -33.74
C LEU A 221 -7.25 -3.08 -34.71
N TRP A 222 -6.88 -1.87 -34.29
CA TRP A 222 -7.05 -0.64 -35.03
C TRP A 222 -5.72 -0.16 -35.59
N ASP A 223 -5.81 0.62 -36.64
CA ASP A 223 -4.67 1.31 -37.24
C ASP A 223 -4.67 2.76 -36.77
N VAL A 224 -3.50 3.23 -36.33
CA VAL A 224 -3.42 4.58 -35.78
C VAL A 224 -3.58 5.64 -36.86
N ARG A 225 -2.96 5.42 -38.03
CA ARG A 225 -2.93 6.47 -39.05
C ARG A 225 -4.21 6.47 -39.89
N GLU A 226 -4.55 5.33 -40.48
CA GLU A 226 -5.77 5.27 -41.30
C GLU A 226 -7.02 5.52 -40.46
N GLY A 227 -7.08 4.95 -39.26
CA GLY A 227 -8.09 5.32 -38.30
C GLY A 227 -9.34 4.47 -38.21
N MET A 228 -9.35 3.29 -38.83
CA MET A 228 -10.49 2.39 -38.70
C MET A 228 -10.01 1.02 -38.23
N CYS A 229 -10.95 0.26 -37.67
CA CYS A 229 -10.65 -1.06 -37.13
C CYS A 229 -10.19 -1.98 -38.24
N ARG A 230 -8.91 -2.38 -38.21
CA ARG A 230 -8.41 -3.29 -39.23
C ARG A 230 -8.95 -4.70 -39.03
N GLN A 231 -8.95 -5.20 -37.80
CA GLN A 231 -9.48 -6.55 -37.56
C GLN A 231 -10.22 -6.60 -36.23
N THR A 232 -11.07 -7.61 -36.09
CA THR A 232 -11.80 -7.88 -34.86
C THR A 232 -11.72 -9.36 -34.54
N PHE A 233 -11.57 -9.68 -33.26
CA PHE A 233 -11.40 -11.05 -32.79
C PHE A 233 -12.43 -11.36 -31.72
N THR A 234 -13.00 -12.55 -31.80
CA THR A 234 -13.96 -13.04 -30.80
C THR A 234 -13.46 -14.37 -30.25
N GLY A 235 -14.23 -14.91 -29.30
CA GLY A 235 -13.86 -16.18 -28.69
C GLY A 235 -14.12 -16.22 -27.20
N HIS A 236 -14.01 -15.06 -26.55
CA HIS A 236 -14.29 -14.99 -25.12
C HIS A 236 -15.80 -14.96 -24.88
N GLU A 237 -16.19 -15.50 -23.72
CA GLU A 237 -17.59 -15.52 -23.32
C GLU A 237 -17.92 -14.47 -22.27
N SER A 238 -16.95 -13.64 -21.88
CA SER A 238 -17.18 -12.58 -20.90
C SER A 238 -16.34 -11.38 -21.29
N ASP A 239 -16.38 -10.35 -20.45
CA ASP A 239 -15.68 -9.10 -20.73
C ASP A 239 -14.17 -9.32 -20.72
N ILE A 240 -13.48 -8.64 -21.63
CA ILE A 240 -12.02 -8.70 -21.70
C ILE A 240 -11.45 -7.60 -20.81
N ASN A 241 -10.66 -8.00 -19.83
CA ASN A 241 -10.11 -7.06 -18.86
C ASN A 241 -8.70 -6.58 -19.21
N ALA A 242 -7.90 -7.41 -19.88
CA ALA A 242 -6.52 -7.06 -20.14
C ALA A 242 -6.12 -7.52 -21.53
N ILE A 243 -5.18 -6.78 -22.13
CA ILE A 243 -4.64 -7.12 -23.44
C ILE A 243 -3.16 -6.75 -23.44
N CYS A 244 -2.37 -7.51 -24.19
CA CYS A 244 -0.94 -7.23 -24.27
C CYS A 244 -0.41 -7.76 -25.59
N PHE A 245 0.58 -7.07 -26.15
CA PHE A 245 1.16 -7.45 -27.42
C PHE A 245 2.34 -8.40 -27.24
N PHE A 246 2.47 -9.32 -28.19
CA PHE A 246 3.67 -10.13 -28.29
C PHE A 246 4.87 -9.24 -28.62
N PRO A 247 6.05 -9.58 -28.11
CA PRO A 247 7.24 -8.78 -28.47
C PRO A 247 7.51 -8.72 -29.96
N ASN A 248 7.18 -9.79 -30.70
CA ASN A 248 7.31 -9.76 -32.14
C ASN A 248 6.38 -8.70 -32.73
N GLY A 249 5.14 -8.65 -32.25
CA GLY A 249 4.14 -7.74 -32.78
C GLY A 249 3.14 -8.37 -33.73
N ASN A 250 3.18 -9.69 -33.91
CA ASN A 250 2.27 -10.39 -34.80
C ASN A 250 1.23 -11.21 -34.04
N ALA A 251 1.17 -11.07 -32.71
CA ALA A 251 0.22 -11.80 -31.90
C ALA A 251 -0.03 -11.02 -30.62
N PHE A 252 -1.08 -11.40 -29.90
CA PHE A 252 -1.39 -10.71 -28.65
C PHE A 252 -2.23 -11.61 -27.76
N ALA A 253 -2.08 -11.41 -26.45
CA ALA A 253 -2.76 -12.22 -25.45
C ALA A 253 -3.74 -11.34 -24.67
N THR A 254 -4.96 -11.86 -24.50
CA THR A 254 -6.02 -11.15 -23.80
C THR A 254 -6.52 -11.99 -22.63
N GLY A 255 -6.71 -11.34 -21.49
CA GLY A 255 -7.28 -11.97 -20.33
C GLY A 255 -8.64 -11.38 -20.00
N SER A 256 -9.58 -12.26 -19.65
CA SER A 256 -10.98 -11.88 -19.52
C SER A 256 -11.52 -12.35 -18.18
N ASP A 257 -12.78 -11.99 -17.92
CA ASP A 257 -13.46 -12.35 -16.68
C ASP A 257 -13.87 -13.81 -16.62
N ASP A 258 -13.80 -14.53 -17.74
CA ASP A 258 -14.20 -15.94 -17.78
C ASP A 258 -13.08 -16.87 -17.33
N ALA A 259 -12.10 -16.36 -16.59
CA ALA A 259 -11.03 -17.14 -15.98
C ALA A 259 -10.16 -17.83 -17.02
N THR A 260 -10.06 -17.26 -18.22
CA THR A 260 -9.22 -17.81 -19.27
C THR A 260 -8.39 -16.70 -19.89
N CYS A 261 -7.18 -17.04 -20.30
CA CYS A 261 -6.35 -16.20 -21.14
C CYS A 261 -6.38 -16.78 -22.55
N ARG A 262 -6.28 -15.93 -23.57
CA ARG A 262 -6.31 -16.40 -24.94
C ARG A 262 -5.25 -15.69 -25.77
N LEU A 263 -4.51 -16.47 -26.54
CA LEU A 263 -3.50 -15.97 -27.45
C LEU A 263 -4.09 -15.96 -28.86
N PHE A 264 -4.24 -14.76 -29.42
CA PHE A 264 -4.70 -14.52 -30.78
C PHE A 264 -3.50 -14.17 -31.67
N ASP A 265 -3.65 -14.45 -32.95
CA ASP A 265 -2.61 -14.16 -33.93
C ASP A 265 -3.15 -13.15 -34.93
N LEU A 266 -2.29 -12.23 -35.36
CA LEU A 266 -2.70 -11.17 -36.26
C LEU A 266 -2.90 -11.70 -37.68
N ARG A 267 -1.84 -12.24 -38.27
CA ARG A 267 -1.90 -12.70 -39.65
C ARG A 267 -2.86 -13.87 -39.82
N ALA A 268 -2.89 -14.80 -38.86
CA ALA A 268 -3.85 -15.89 -38.92
C ALA A 268 -5.28 -15.42 -38.76
N ASP A 269 -5.50 -14.25 -38.18
CA ASP A 269 -6.83 -13.64 -38.06
C ASP A 269 -7.80 -14.55 -37.33
N GLN A 270 -7.32 -15.24 -36.30
CA GLN A 270 -8.16 -16.12 -35.51
C GLN A 270 -7.48 -16.40 -34.18
N GLU A 271 -8.18 -17.15 -33.34
CA GLU A 271 -7.63 -17.60 -32.07
C GLU A 271 -6.54 -18.64 -32.30
N LEU A 272 -5.51 -18.59 -31.47
CA LEU A 272 -4.43 -19.56 -31.53
C LEU A 272 -4.42 -20.52 -30.35
N MET A 273 -4.42 -20.00 -29.12
CA MET A 273 -4.36 -20.90 -27.97
C MET A 273 -5.17 -20.35 -26.82
N THR A 274 -5.51 -21.24 -25.89
CA THR A 274 -6.27 -20.89 -24.70
C THR A 274 -5.55 -21.42 -23.47
N TYR A 275 -5.26 -20.52 -22.53
CA TYR A 275 -4.61 -20.84 -21.26
C TYR A 275 -5.69 -20.83 -20.20
N SER A 276 -6.00 -22.02 -19.66
CA SER A 276 -7.02 -22.14 -18.63
C SER A 276 -6.75 -23.38 -17.80
N HIS A 277 -7.34 -23.40 -16.61
CA HIS A 277 -7.22 -24.53 -15.70
C HIS A 277 -8.49 -24.67 -14.90
N ASP A 278 -8.81 -25.92 -14.52
CA ASP A 278 -10.00 -26.17 -13.73
C ASP A 278 -9.91 -25.53 -12.35
N ASN A 279 -8.72 -25.56 -11.75
CA ASN A 279 -8.53 -24.94 -10.44
C ASN A 279 -8.68 -23.43 -10.48
N ILE A 280 -8.62 -22.82 -11.66
CA ILE A 280 -8.74 -21.39 -11.82
C ILE A 280 -10.19 -21.06 -12.15
N ILE A 281 -10.81 -20.22 -11.33
CA ILE A 281 -12.19 -19.81 -11.54
C ILE A 281 -12.38 -18.30 -11.63
N CYS A 282 -11.50 -17.50 -11.02
CA CYS A 282 -11.63 -16.05 -11.07
C CYS A 282 -11.03 -15.50 -12.35
N GLY A 283 -11.46 -14.30 -12.72
CA GLY A 283 -11.07 -13.70 -13.98
C GLY A 283 -9.64 -13.18 -13.96
N ILE A 284 -9.25 -12.58 -15.07
CA ILE A 284 -7.91 -12.05 -15.28
C ILE A 284 -7.99 -10.53 -15.13
N THR A 285 -7.01 -9.94 -14.47
CA THR A 285 -6.98 -8.48 -14.34
C THR A 285 -5.89 -7.83 -15.19
N SER A 286 -4.75 -8.48 -15.37
CA SER A 286 -3.68 -7.94 -16.20
C SER A 286 -2.91 -9.08 -16.85
N VAL A 287 -2.30 -8.79 -18.01
CA VAL A 287 -1.47 -9.75 -18.71
C VAL A 287 -0.20 -9.04 -19.17
N SER A 288 0.86 -9.85 -19.35
CA SER A 288 2.13 -9.30 -19.80
C SER A 288 3.00 -10.41 -20.34
N PHE A 289 3.71 -10.13 -21.43
CA PHE A 289 4.60 -11.11 -22.01
C PHE A 289 6.03 -10.92 -21.50
N SER A 290 6.82 -11.98 -21.58
CA SER A 290 8.24 -11.92 -21.29
C SER A 290 9.00 -11.36 -22.48
N LYS A 291 10.28 -11.03 -22.26
CA LYS A 291 11.06 -10.39 -23.32
C LYS A 291 11.19 -11.31 -24.53
N SER A 292 11.44 -12.59 -24.31
CA SER A 292 11.52 -13.53 -25.41
C SER A 292 10.16 -13.98 -25.92
N GLY A 293 9.09 -13.64 -25.20
CA GLY A 293 7.76 -14.01 -25.62
C GLY A 293 7.36 -15.44 -25.32
N ARG A 294 8.14 -16.16 -24.51
CA ARG A 294 7.78 -17.52 -24.15
C ARG A 294 6.99 -17.61 -22.87
N LEU A 295 7.24 -16.72 -21.92
CA LEU A 295 6.54 -16.72 -20.64
C LEU A 295 5.46 -15.66 -20.67
N LEU A 296 4.22 -16.08 -20.40
CA LEU A 296 3.09 -15.16 -20.32
C LEU A 296 2.61 -15.10 -18.88
N LEU A 297 2.72 -13.93 -18.26
CA LEU A 297 2.29 -13.73 -16.89
C LEU A 297 0.89 -13.11 -16.90
N ALA A 298 0.06 -13.56 -15.97
CA ALA A 298 -1.31 -13.07 -15.84
C ALA A 298 -1.67 -12.91 -14.37
N GLY A 299 -2.17 -11.72 -14.03
CA GLY A 299 -2.64 -11.45 -12.68
C GLY A 299 -4.09 -11.86 -12.54
N TYR A 300 -4.41 -12.49 -11.41
CA TYR A 300 -5.70 -13.09 -11.19
C TYR A 300 -6.39 -12.42 -10.01
N ASP A 301 -7.62 -12.83 -9.72
CA ASP A 301 -8.38 -12.29 -8.62
C ASP A 301 -8.26 -13.12 -7.33
N ASP A 302 -7.58 -14.27 -7.38
CA ASP A 302 -7.32 -15.06 -6.19
C ASP A 302 -6.02 -14.66 -5.50
N PHE A 303 -5.58 -13.41 -5.70
CA PHE A 303 -4.47 -12.80 -4.96
C PHE A 303 -3.12 -13.41 -5.32
N ASN A 304 -2.99 -13.95 -6.53
CA ASN A 304 -1.69 -14.43 -7.01
C ASN A 304 -1.68 -14.39 -8.52
N CYS A 305 -0.48 -14.45 -9.08
CA CYS A 305 -0.28 -14.40 -10.52
C CYS A 305 0.16 -15.77 -11.04
N ASN A 306 -0.08 -16.02 -12.32
CA ASN A 306 0.29 -17.28 -12.95
C ASN A 306 1.21 -17.02 -14.14
N VAL A 307 2.24 -17.85 -14.26
CA VAL A 307 3.21 -17.76 -15.33
C VAL A 307 3.03 -19.00 -16.21
N TRP A 308 2.45 -18.80 -17.38
CA TRP A 308 2.21 -19.86 -18.36
C TRP A 308 3.30 -19.85 -19.43
N ASP A 309 3.39 -20.96 -20.15
CA ASP A 309 4.19 -21.04 -21.36
C ASP A 309 3.34 -20.54 -22.53
N ALA A 310 3.82 -19.52 -23.23
CA ALA A 310 3.09 -18.99 -24.36
C ALA A 310 2.98 -19.98 -25.51
N LEU A 311 3.77 -21.05 -25.50
CA LEU A 311 3.76 -22.05 -26.57
C LEU A 311 3.16 -23.38 -26.16
N LYS A 312 3.11 -23.70 -24.87
CA LYS A 312 2.64 -24.99 -24.42
C LYS A 312 1.39 -24.94 -23.54
N ALA A 313 0.98 -23.75 -23.09
CA ALA A 313 -0.22 -23.58 -22.27
C ALA A 313 -0.15 -24.37 -20.97
N ASP A 314 1.05 -24.71 -20.54
CA ASP A 314 1.27 -25.39 -19.26
C ASP A 314 1.76 -24.39 -18.24
N ARG A 315 1.07 -24.32 -17.11
CA ARG A 315 1.45 -23.36 -16.07
C ARG A 315 2.87 -23.63 -15.60
N ALA A 316 3.69 -22.58 -15.58
CA ALA A 316 5.10 -22.72 -15.26
C ALA A 316 5.48 -22.11 -13.93
N GLY A 317 4.66 -21.24 -13.36
CA GLY A 317 4.97 -20.70 -12.04
C GLY A 317 3.78 -20.01 -11.44
N VAL A 318 3.87 -19.78 -10.13
CA VAL A 318 2.85 -19.08 -9.37
C VAL A 318 3.51 -18.00 -8.53
N LEU A 319 2.99 -16.78 -8.59
CA LEU A 319 3.50 -15.66 -7.80
C LEU A 319 2.46 -15.37 -6.72
N ALA A 320 2.68 -15.97 -5.55
CA ALA A 320 1.79 -15.80 -4.41
C ALA A 320 2.50 -14.95 -3.36
N GLY A 321 2.33 -13.64 -3.45
CA GLY A 321 2.94 -12.73 -2.51
C GLY A 321 2.00 -11.63 -2.07
N HIS A 322 0.78 -11.65 -2.60
CA HIS A 322 -0.22 -10.64 -2.31
C HIS A 322 -1.41 -11.25 -1.59
N ASP A 323 -2.05 -10.46 -0.74
CA ASP A 323 -3.25 -10.88 -0.03
C ASP A 323 -4.51 -10.23 -0.56
N ASN A 324 -4.42 -9.53 -1.69
CA ASN A 324 -5.58 -8.95 -2.34
C ASN A 324 -5.42 -9.11 -3.85
N ARG A 325 -6.44 -8.68 -4.59
CA ARG A 325 -6.49 -8.93 -6.02
C ARG A 325 -5.32 -8.25 -6.73
N VAL A 326 -4.63 -9.01 -7.58
CA VAL A 326 -3.53 -8.46 -8.36
C VAL A 326 -4.11 -7.72 -9.56
N SER A 327 -3.95 -6.39 -9.56
CA SER A 327 -4.54 -5.56 -10.59
C SER A 327 -3.54 -5.02 -11.61
N CYS A 328 -2.25 -5.16 -11.34
CA CYS A 328 -1.22 -4.62 -12.21
C CYS A 328 -0.20 -5.70 -12.56
N LEU A 329 0.45 -5.52 -13.70
CA LEU A 329 1.47 -6.47 -14.15
C LEU A 329 2.29 -5.81 -15.24
N GLY A 330 3.60 -5.82 -15.08
CA GLY A 330 4.48 -5.21 -16.06
C GLY A 330 5.86 -5.84 -16.07
N VAL A 331 6.43 -6.02 -17.27
CA VAL A 331 7.74 -6.62 -17.43
C VAL A 331 8.65 -5.57 -18.04
N THR A 332 9.84 -5.41 -17.45
CA THR A 332 10.77 -4.40 -17.91
C THR A 332 11.17 -4.64 -19.36
N ASP A 333 11.67 -3.58 -20.00
CA ASP A 333 12.01 -3.67 -21.42
C ASP A 333 13.16 -4.64 -21.65
N ASP A 334 14.10 -4.71 -20.72
CA ASP A 334 15.19 -5.67 -20.82
C ASP A 334 14.82 -7.04 -20.26
N GLY A 335 13.59 -7.22 -19.80
CA GLY A 335 13.15 -8.49 -19.28
C GLY A 335 13.87 -8.93 -18.02
N MET A 336 14.21 -7.98 -17.15
CA MET A 336 14.95 -8.30 -15.93
C MET A 336 14.02 -8.69 -14.79
N ALA A 337 13.13 -7.79 -14.39
CA ALA A 337 12.25 -8.00 -13.26
C ALA A 337 10.79 -7.96 -13.70
N VAL A 338 9.90 -8.33 -12.79
CA VAL A 338 8.46 -8.31 -13.03
C VAL A 338 7.80 -7.58 -11.86
N ALA A 339 7.02 -6.55 -12.17
CA ALA A 339 6.35 -5.76 -11.16
C ALA A 339 4.89 -6.19 -11.06
N THR A 340 4.43 -6.42 -9.83
CA THR A 340 3.05 -6.80 -9.56
C THR A 340 2.46 -5.83 -8.56
N GLY A 341 1.34 -5.20 -8.93
CA GLY A 341 0.59 -4.34 -8.04
C GLY A 341 -0.74 -4.98 -7.70
N SER A 342 -1.15 -4.82 -6.44
CA SER A 342 -2.38 -5.43 -5.97
C SER A 342 -3.15 -4.45 -5.09
N TRP A 343 -4.36 -4.83 -4.74
CA TRP A 343 -5.26 -3.97 -3.96
C TRP A 343 -4.82 -3.82 -2.51
N ASP A 344 -3.80 -4.57 -2.07
CA ASP A 344 -3.27 -4.42 -0.72
C ASP A 344 -2.34 -3.22 -0.58
N SER A 345 -2.25 -2.37 -1.61
CA SER A 345 -1.47 -1.14 -1.57
C SER A 345 0.03 -1.43 -1.45
N PHE A 346 0.47 -2.52 -2.06
CA PHE A 346 1.88 -2.90 -2.08
C PHE A 346 2.28 -3.32 -3.48
N LEU A 347 3.48 -2.93 -3.89
CA LEU A 347 4.05 -3.36 -5.16
C LEU A 347 5.16 -4.35 -4.86
N LYS A 348 5.25 -5.42 -5.64
CA LYS A 348 6.30 -6.41 -5.47
C LYS A 348 7.06 -6.60 -6.78
N ILE A 349 8.37 -6.47 -6.71
CA ILE A 349 9.25 -6.65 -7.86
C ILE A 349 9.96 -7.98 -7.70
N TRP A 350 9.73 -8.89 -8.65
CA TRP A 350 10.16 -10.26 -8.62
C TRP A 350 11.27 -10.48 -9.65
N ASN A 351 12.10 -11.49 -9.38
CA ASN A 351 13.19 -11.87 -10.27
C ASN A 351 13.46 -13.36 -10.08
N GLY A 352 14.12 -13.94 -11.08
CA GLY A 352 14.50 -15.33 -11.05
C GLY A 352 15.87 -15.55 -10.42
N SER A 353 16.26 -16.82 -10.33
CA SER A 353 17.54 -17.19 -9.74
C SER A 353 17.97 -18.57 -10.19
N ALA B 7 -29.85 6.81 -38.00
CA ALA B 7 -30.77 5.82 -37.45
C ALA B 7 -30.13 4.43 -37.43
N SER B 8 -30.96 3.42 -37.21
CA SER B 8 -30.45 2.04 -37.17
C SER B 8 -29.94 1.60 -38.53
N ILE B 9 -30.51 2.14 -39.61
CA ILE B 9 -30.09 1.75 -40.96
C ILE B 9 -28.66 2.23 -41.22
N ALA B 10 -28.31 3.41 -40.70
CA ALA B 10 -26.94 3.91 -40.84
C ALA B 10 -25.95 2.99 -40.13
N GLN B 11 -26.27 2.60 -38.89
CA GLN B 11 -25.43 1.64 -38.18
C GLN B 11 -25.33 0.33 -38.96
N ALA B 12 -26.44 -0.09 -39.57
CA ALA B 12 -26.44 -1.32 -40.34
C ALA B 12 -25.48 -1.25 -41.52
N ARG B 13 -25.58 -0.19 -42.33
CA ARG B 13 -24.68 -0.10 -43.48
C ARG B 13 -23.24 0.05 -43.04
N LYS B 14 -23.00 0.80 -41.96
CA LYS B 14 -21.64 0.94 -41.47
C LYS B 14 -21.07 -0.40 -41.03
N LEU B 15 -21.88 -1.20 -40.32
CA LEU B 15 -21.41 -2.49 -39.84
C LEU B 15 -21.16 -3.47 -40.98
N VAL B 16 -22.03 -3.48 -41.99
CA VAL B 16 -21.77 -4.37 -43.13
C VAL B 16 -20.55 -3.91 -43.93
N GLU B 17 -20.33 -2.59 -44.03
CA GLU B 17 -19.13 -2.11 -44.71
C GLU B 17 -17.88 -2.55 -43.95
N GLN B 18 -17.91 -2.41 -42.62
CA GLN B 18 -16.80 -2.87 -41.80
C GLN B 18 -16.58 -4.37 -41.93
N LEU B 19 -17.67 -5.14 -42.00
CA LEU B 19 -17.53 -6.59 -42.12
C LEU B 19 -16.97 -6.99 -43.47
N LYS B 20 -17.33 -6.27 -44.54
CA LYS B 20 -16.72 -6.52 -45.84
C LYS B 20 -15.23 -6.19 -45.81
N MET B 21 -14.87 -5.08 -45.16
CA MET B 21 -13.46 -4.73 -45.01
C MET B 21 -12.72 -5.80 -44.21
N GLU B 22 -13.39 -6.42 -43.23
CA GLU B 22 -12.83 -7.58 -42.55
C GLU B 22 -12.64 -8.73 -43.52
N ALA B 23 -13.62 -8.96 -44.39
CA ALA B 23 -13.59 -10.11 -45.29
C ALA B 23 -12.50 -10.03 -46.34
N ASN B 24 -12.16 -8.83 -46.81
CA ASN B 24 -11.19 -8.71 -47.89
C ASN B 24 -9.74 -8.89 -47.43
N ILE B 25 -9.52 -9.31 -46.18
CA ILE B 25 -8.17 -9.40 -45.63
C ILE B 25 -7.58 -10.78 -45.94
N ASP B 26 -6.34 -10.79 -46.41
CA ASP B 26 -5.64 -12.05 -46.66
C ASP B 26 -5.09 -12.62 -45.35
N ARG B 27 -5.10 -13.95 -45.25
CA ARG B 27 -4.65 -14.65 -44.07
C ARG B 27 -3.61 -15.70 -44.45
N ILE B 28 -2.53 -15.77 -43.67
CA ILE B 28 -1.51 -16.80 -43.88
C ILE B 28 -1.93 -18.06 -43.12
N LYS B 29 -1.23 -19.15 -43.40
CA LYS B 29 -1.53 -20.42 -42.76
C LYS B 29 -1.16 -20.39 -41.27
N VAL B 30 -2.02 -20.98 -40.45
CA VAL B 30 -1.81 -21.04 -39.01
C VAL B 30 -0.53 -21.79 -38.70
N SER B 31 -0.20 -22.81 -39.49
CA SER B 31 1.07 -23.52 -39.29
C SER B 31 2.25 -22.60 -39.49
N LYS B 32 2.21 -21.76 -40.53
CA LYS B 32 3.29 -20.79 -40.75
C LYS B 32 3.37 -19.80 -39.61
N ALA B 33 2.22 -19.32 -39.12
CA ALA B 33 2.23 -18.39 -38.00
C ALA B 33 2.83 -19.01 -36.75
N ALA B 34 2.46 -20.26 -36.46
CA ALA B 34 3.01 -20.96 -35.30
C ALA B 34 4.50 -21.18 -35.46
N ALA B 35 4.95 -21.51 -36.67
CA ALA B 35 6.38 -21.67 -36.92
C ALA B 35 7.12 -20.37 -36.67
N ASP B 36 6.56 -19.25 -37.12
CA ASP B 36 7.19 -17.95 -36.87
C ASP B 36 7.26 -17.65 -35.37
N LEU B 37 6.18 -17.94 -34.64
CA LEU B 37 6.18 -17.70 -33.20
C LEU B 37 7.24 -18.55 -32.50
N MET B 38 7.32 -19.84 -32.85
CA MET B 38 8.33 -20.70 -32.26
C MET B 38 9.74 -20.22 -32.60
N ALA B 39 9.95 -19.79 -33.86
CA ALA B 39 11.27 -19.31 -34.25
C ALA B 39 11.67 -18.08 -33.45
N TYR B 40 10.75 -17.14 -33.27
CA TYR B 40 11.05 -15.95 -32.46
C TYR B 40 11.35 -16.33 -31.01
N CYS B 41 10.52 -17.21 -30.44
CA CYS B 41 10.70 -17.58 -29.04
C CYS B 41 12.03 -18.28 -28.82
N GLU B 42 12.44 -19.14 -29.75
CA GLU B 42 13.72 -19.83 -29.61
C GLU B 42 14.90 -18.90 -29.91
N ALA B 43 14.73 -17.96 -30.85
CA ALA B 43 15.85 -17.09 -31.22
C ALA B 43 16.13 -16.05 -30.15
N HIS B 44 15.10 -15.59 -29.44
CA HIS B 44 15.31 -14.61 -28.38
C HIS B 44 15.51 -15.25 -27.02
N ALA B 45 15.73 -16.56 -26.97
CA ALA B 45 16.13 -17.21 -25.73
C ALA B 45 17.57 -16.87 -25.40
N LYS B 46 17.94 -17.10 -24.14
CA LYS B 46 19.27 -16.79 -23.61
C LYS B 46 19.51 -15.28 -23.53
N GLU B 47 18.57 -14.50 -24.07
CA GLU B 47 18.52 -13.07 -23.86
C GLU B 47 17.34 -12.67 -22.99
N ASP B 48 16.67 -13.65 -22.39
CA ASP B 48 15.52 -13.43 -21.54
C ASP B 48 15.87 -13.80 -20.11
N PRO B 49 16.21 -12.83 -19.25
CA PRO B 49 16.49 -13.16 -17.85
C PRO B 49 15.32 -13.81 -17.14
N LEU B 50 14.09 -13.53 -17.56
CA LEU B 50 12.93 -14.20 -16.99
C LEU B 50 12.97 -15.70 -17.27
N LEU B 51 13.30 -16.08 -18.50
CA LEU B 51 13.33 -17.50 -18.87
C LEU B 51 14.58 -18.18 -18.32
N THR B 52 15.75 -17.72 -18.76
CA THR B 52 17.02 -18.23 -18.25
C THR B 52 17.49 -17.30 -17.15
N PRO B 53 17.54 -17.75 -15.89
CA PRO B 53 17.96 -16.85 -14.82
C PRO B 53 19.38 -16.34 -15.02
N VAL B 54 19.57 -15.06 -14.74
CA VAL B 54 20.88 -14.42 -14.85
C VAL B 54 21.64 -14.69 -13.55
N PRO B 55 22.94 -14.99 -13.61
CA PRO B 55 23.70 -15.14 -12.37
C PRO B 55 23.73 -13.84 -11.58
N ALA B 56 23.88 -13.99 -10.26
CA ALA B 56 23.72 -12.87 -9.34
C ALA B 56 24.69 -11.73 -9.61
N SER B 57 25.80 -12.00 -10.30
CA SER B 57 26.77 -10.94 -10.56
C SER B 57 26.16 -9.84 -11.43
N GLU B 58 25.39 -10.21 -12.44
CA GLU B 58 24.74 -9.24 -13.32
C GLU B 58 23.30 -8.95 -12.90
N ASN B 59 22.80 -9.57 -11.84
CA ASN B 59 21.45 -9.30 -11.38
C ASN B 59 21.40 -7.94 -10.68
N PRO B 60 20.63 -6.98 -11.18
CA PRO B 60 20.61 -5.65 -10.54
C PRO B 60 19.67 -5.58 -9.35
N PHE B 61 18.77 -6.54 -9.23
CA PHE B 61 17.80 -6.58 -8.14
C PHE B 61 18.22 -7.52 -7.02
N ARG B 62 19.47 -7.96 -7.01
CA ARG B 62 19.93 -8.87 -5.96
C ARG B 62 19.89 -8.20 -4.60
N GLU B 63 19.63 -9.00 -3.57
CA GLU B 63 19.57 -8.50 -2.21
C GLU B 63 20.96 -8.52 -1.59
N LEU C 1 5.44 -30.33 57.14
CA LEU C 1 4.75 -30.22 55.85
C LEU C 1 5.13 -28.94 55.14
N PHE C 2 5.32 -29.02 53.82
CA PHE C 2 5.72 -27.86 53.01
C PHE C 2 5.00 -27.95 51.67
N GLN C 3 3.85 -27.28 51.57
CA GLN C 3 3.16 -27.14 50.29
C GLN C 3 2.74 -25.70 50.03
N PRO C 4 3.64 -24.72 50.10
CA PRO C 4 3.26 -23.33 49.84
C PRO C 4 3.54 -22.85 48.42
N GLN C 5 3.90 -23.73 47.50
CA GLN C 5 4.40 -23.33 46.19
C GLN C 5 3.40 -22.43 45.46
N ARG C 6 3.81 -21.19 45.22
CA ARG C 6 2.98 -20.21 44.54
C ARG C 6 3.11 -20.37 43.02
N PHE C 7 2.60 -19.38 42.30
CA PHE C 7 2.56 -19.34 40.83
C PHE C 7 2.36 -20.70 40.17
N NH2 C 8 1.40 -21.46 40.66
N GLY D 2 29.96 -1.98 5.08
CA GLY D 2 30.05 -0.53 5.22
C GLY D 2 28.78 0.17 4.78
N CYS D 3 28.85 1.50 4.72
CA CYS D 3 27.68 2.28 4.30
C CYS D 3 27.40 2.11 2.81
N THR D 4 28.45 1.92 2.00
CA THR D 4 28.39 1.71 0.55
C THR D 4 27.37 2.62 -0.14
N LEU D 5 27.24 3.84 0.35
CA LEU D 5 26.32 4.83 -0.21
C LEU D 5 27.04 6.16 -0.36
N SER D 6 26.89 6.78 -1.53
CA SER D 6 27.51 8.07 -1.77
C SER D 6 26.56 9.19 -1.38
N ALA D 7 27.04 10.43 -1.56
CA ALA D 7 26.28 11.59 -1.11
C ALA D 7 24.95 11.73 -1.85
N GLU D 8 24.95 11.50 -3.17
CA GLU D 8 23.71 11.63 -3.93
C GLU D 8 22.70 10.55 -3.56
N ASP D 9 23.16 9.32 -3.34
CA ASP D 9 22.25 8.28 -2.90
C ASP D 9 21.69 8.56 -1.51
N LYS D 10 22.53 9.08 -0.61
CA LYS D 10 22.04 9.43 0.73
C LYS D 10 21.00 10.54 0.65
N ALA D 11 21.24 11.54 -0.20
CA ALA D 11 20.28 12.63 -0.35
C ALA D 11 18.99 12.13 -0.99
N ALA D 12 19.08 11.19 -1.93
CA ALA D 12 17.89 10.60 -2.52
C ALA D 12 17.10 9.82 -1.48
N VAL D 13 17.80 9.11 -0.59
CA VAL D 13 17.12 8.40 0.50
C VAL D 13 16.42 9.40 1.41
N GLU D 14 17.07 10.53 1.70
CA GLU D 14 16.42 11.57 2.50
C GLU D 14 15.16 12.10 1.81
N ARG D 15 15.24 12.32 0.50
CA ARG D 15 14.08 12.78 -0.25
C ARG D 15 12.95 11.75 -0.20
N SER D 16 13.28 10.47 -0.33
CA SER D 16 12.28 9.42 -0.24
C SER D 16 11.64 9.39 1.14
N LYS D 17 12.43 9.59 2.19
CA LYS D 17 11.88 9.63 3.54
C LYS D 17 10.94 10.82 3.73
N MET D 18 11.30 11.97 3.19
CA MET D 18 10.42 13.13 3.27
C MET D 18 9.12 12.88 2.51
N ILE D 19 9.21 12.25 1.34
CA ILE D 19 8.01 11.90 0.59
C ILE D 19 7.15 10.93 1.37
N ASP D 20 7.79 9.97 2.06
CA ASP D 20 7.06 9.04 2.90
C ASP D 20 6.32 9.76 4.01
N ARG D 21 6.97 10.73 4.65
CA ARG D 21 6.30 11.50 5.69
C ARG D 21 5.10 12.25 5.13
N ASN D 22 5.27 12.87 3.96
CA ASN D 22 4.16 13.60 3.36
C ASN D 22 3.01 12.66 3.02
N LEU D 23 3.31 11.47 2.49
CA LEU D 23 2.27 10.51 2.18
C LEU D 23 1.54 10.06 3.44
N ARG D 24 2.29 9.83 4.52
CA ARG D 24 1.65 9.42 5.77
C ARG D 24 0.72 10.49 6.30
N GLU D 25 1.16 11.76 6.27
CA GLU D 25 0.30 12.85 6.73
C GLU D 25 -0.94 12.99 5.86
N ASP D 26 -0.77 12.92 4.54
CA ASP D 26 -1.93 13.02 3.65
C ASP D 26 -2.90 11.86 3.86
N GLY D 27 -2.37 10.66 4.08
CA GLY D 27 -3.23 9.52 4.34
C GLY D 27 -3.98 9.64 5.65
N GLU D 28 -3.33 10.16 6.70
CA GLU D 28 -4.01 10.40 7.96
C GLU D 28 -5.13 11.43 7.79
N LYS D 29 -4.85 12.52 7.08
CA LYS D 29 -5.88 13.51 6.82
C LYS D 29 -7.05 12.91 6.05
N ALA D 30 -6.75 12.07 5.06
CA ALA D 30 -7.81 11.42 4.29
C ALA D 30 -8.60 10.45 5.16
N ALA D 31 -7.94 9.77 6.10
CA ALA D 31 -8.65 8.87 7.01
C ALA D 31 -9.56 9.65 7.94
N ARG D 32 -9.17 10.87 8.33
CA ARG D 32 -10.04 11.74 9.11
C ARG D 32 -11.08 12.40 8.20
N GLU D 33 -11.86 11.55 7.54
CA GLU D 33 -12.84 12.04 6.58
C GLU D 33 -13.86 10.93 6.33
N VAL D 34 -15.08 11.35 6.01
CA VAL D 34 -16.18 10.43 5.72
C VAL D 34 -16.44 10.46 4.23
N LYS D 35 -16.63 9.28 3.63
CA LYS D 35 -16.88 9.13 2.20
C LYS D 35 -18.26 8.51 2.00
N LEU D 36 -19.05 9.14 1.15
CA LEU D 36 -20.40 8.66 0.84
C LEU D 36 -20.57 8.53 -0.67
N LEU D 37 -21.35 7.54 -1.06
CA LEU D 37 -21.68 7.31 -2.47
C LEU D 37 -23.18 7.50 -2.65
N LEU D 38 -23.56 8.44 -3.52
CA LEU D 38 -24.96 8.75 -3.75
C LEU D 38 -25.45 7.99 -4.97
N LEU D 39 -26.61 7.35 -4.85
CA LEU D 39 -27.18 6.53 -5.91
C LEU D 39 -28.66 6.88 -6.06
N GLY D 40 -29.35 6.11 -6.87
CA GLY D 40 -30.76 6.29 -7.12
C GLY D 40 -31.06 6.62 -8.58
N ALA D 41 -32.35 6.68 -8.88
CA ALA D 41 -32.78 7.00 -10.23
C ALA D 41 -32.52 8.47 -10.53
N GLY D 42 -32.61 8.81 -11.82
CA GLY D 42 -32.37 10.19 -12.23
C GLY D 42 -33.39 11.16 -11.67
N GLU D 43 -34.67 10.78 -11.72
CA GLU D 43 -35.74 11.63 -11.20
C GLU D 43 -36.07 11.30 -9.74
N SER D 44 -35.04 11.30 -8.89
CA SER D 44 -35.19 10.94 -7.50
C SER D 44 -34.81 12.09 -6.55
N GLY D 45 -34.67 13.31 -7.07
CA GLY D 45 -34.32 14.43 -6.22
C GLY D 45 -32.90 14.40 -5.70
N LYS D 46 -32.00 13.70 -6.40
CA LYS D 46 -30.60 13.65 -5.95
C LYS D 46 -29.93 15.01 -6.01
N SER D 47 -30.22 15.80 -7.05
CA SER D 47 -29.68 17.16 -7.10
C SER D 47 -30.22 17.99 -5.95
N THR D 48 -31.51 17.83 -5.63
CA THR D 48 -32.09 18.59 -4.53
C THR D 48 -31.45 18.22 -3.18
N ILE D 49 -31.24 16.93 -2.95
CA ILE D 49 -30.65 16.52 -1.67
C ILE D 49 -29.19 16.93 -1.60
N VAL D 50 -28.49 16.92 -2.74
CA VAL D 50 -27.12 17.44 -2.78
C VAL D 50 -27.09 18.91 -2.42
N LYS D 51 -28.03 19.68 -2.98
CA LYS D 51 -28.11 21.11 -2.64
C LYS D 51 -28.42 21.29 -1.15
N GLN D 52 -29.32 20.47 -0.61
CA GLN D 52 -29.66 20.58 0.81
C GLN D 52 -28.45 20.29 1.70
N MET D 53 -27.66 19.27 1.36
CA MET D 53 -26.44 19.01 2.11
C MET D 53 -25.44 20.15 1.96
N LYS D 54 -25.30 20.69 0.76
CA LYS D 54 -24.37 21.79 0.52
C LYS D 54 -25.07 23.14 0.61
N LYS D 180 -18.48 20.14 -15.98
CA LYS D 180 -18.39 20.23 -17.44
C LYS D 180 -18.33 18.85 -18.07
N THR D 181 -17.99 17.85 -17.26
CA THR D 181 -17.86 16.46 -17.71
C THR D 181 -18.90 15.60 -17.01
N THR D 182 -19.59 14.77 -17.80
CA THR D 182 -20.65 13.91 -17.28
C THR D 182 -20.03 12.63 -16.72
N GLY D 183 -19.41 12.76 -15.56
CA GLY D 183 -18.81 11.62 -14.89
C GLY D 183 -19.18 11.54 -13.42
N ILE D 184 -18.17 11.47 -12.56
CA ILE D 184 -18.37 11.42 -11.11
C ILE D 184 -18.12 12.82 -10.56
N VAL D 185 -19.10 13.35 -9.84
CA VAL D 185 -19.00 14.68 -9.25
C VAL D 185 -18.87 14.55 -7.74
N GLU D 186 -17.90 15.28 -7.18
CA GLU D 186 -17.59 15.20 -5.76
C GLU D 186 -18.04 16.49 -5.08
N THR D 187 -18.85 16.36 -4.04
CA THR D 187 -19.30 17.48 -3.24
C THR D 187 -18.75 17.33 -1.83
N HIS D 188 -18.09 18.37 -1.33
CA HIS D 188 -17.45 18.33 -0.02
C HIS D 188 -18.15 19.32 0.90
N PHE D 189 -18.45 18.88 2.12
CA PHE D 189 -19.08 19.79 3.08
C PHE D 189 -18.71 19.38 4.49
N THR D 190 -18.73 20.36 5.39
CA THR D 190 -18.34 20.17 6.78
C THR D 190 -19.57 20.17 7.67
N PHE D 191 -19.53 19.37 8.73
CA PHE D 191 -20.63 19.32 9.69
C PHE D 191 -20.06 18.85 11.03
N LYS D 192 -20.00 19.78 11.99
CA LYS D 192 -19.45 19.56 13.33
C LYS D 192 -18.19 18.69 13.30
N ASP D 193 -17.16 19.21 12.62
CA ASP D 193 -15.84 18.59 12.57
C ASP D 193 -15.89 17.20 11.97
N LEU D 194 -16.70 17.04 10.92
CA LEU D 194 -16.78 15.77 10.18
C LEU D 194 -16.84 16.13 8.69
N HIS D 195 -15.69 16.11 8.03
CA HIS D 195 -15.63 16.42 6.61
C HIS D 195 -16.29 15.30 5.82
N PHE D 196 -17.18 15.66 4.91
CA PHE D 196 -17.94 14.72 4.10
C PHE D 196 -17.58 14.91 2.63
N LYS D 197 -17.19 13.82 1.98
CA LYS D 197 -16.98 13.78 0.54
C LYS D 197 -18.03 12.85 -0.05
N MET D 198 -18.94 13.41 -0.84
CA MET D 198 -20.04 12.66 -1.40
C MET D 198 -19.86 12.59 -2.91
N PHE D 199 -19.88 11.38 -3.45
CA PHE D 199 -19.62 11.15 -4.87
C PHE D 199 -20.92 10.76 -5.55
N ASP D 200 -21.33 11.54 -6.54
CA ASP D 200 -22.50 11.23 -7.36
C ASP D 200 -21.97 10.70 -8.70
N VAL D 201 -22.33 9.46 -9.02
CA VAL D 201 -21.84 8.79 -10.22
C VAL D 201 -23.01 8.58 -11.18
N GLY D 202 -24.12 9.28 -10.92
CA GLY D 202 -25.31 9.14 -11.75
C GLY D 202 -25.11 9.59 -13.18
N ALA D 203 -24.06 10.35 -13.46
CA ALA D 203 -23.76 10.80 -14.81
C ALA D 203 -22.96 9.78 -15.62
N GLN D 204 -22.67 8.62 -15.04
CA GLN D 204 -21.94 7.57 -15.73
C GLN D 204 -22.93 6.60 -16.36
N ARG D 205 -22.87 6.44 -17.68
CA ARG D 205 -23.77 5.58 -18.41
C ARG D 205 -23.12 4.28 -18.87
N SER D 206 -21.89 4.01 -18.42
CA SER D 206 -21.18 2.80 -18.81
C SER D 206 -21.60 1.64 -17.92
N GLU D 207 -20.90 0.52 -18.02
CA GLU D 207 -21.22 -0.65 -17.20
C GLU D 207 -20.84 -0.39 -15.75
N ARG D 208 -21.82 -0.44 -14.86
CA ARG D 208 -21.58 -0.16 -13.45
C ARG D 208 -20.66 -1.19 -12.82
N LYS D 209 -20.87 -2.47 -13.11
CA LYS D 209 -20.11 -3.55 -12.48
C LYS D 209 -18.62 -3.48 -12.79
N LYS D 210 -18.20 -2.61 -13.70
CA LYS D 210 -16.79 -2.46 -14.03
C LYS D 210 -16.09 -1.38 -13.22
N TRP D 211 -16.83 -0.58 -12.44
CA TRP D 211 -16.19 0.44 -11.61
C TRP D 211 -16.75 0.53 -10.19
N ILE D 212 -17.84 -0.16 -9.88
CA ILE D 212 -18.44 -0.03 -8.56
C ILE D 212 -17.50 -0.47 -7.44
N HIS D 213 -16.59 -1.41 -7.72
CA HIS D 213 -15.64 -1.84 -6.70
C HIS D 213 -14.72 -0.71 -6.26
N CYS D 214 -14.56 0.31 -7.10
CA CYS D 214 -13.76 1.48 -6.70
C CYS D 214 -14.33 2.16 -5.46
N PHE D 215 -15.61 1.96 -5.17
CA PHE D 215 -16.25 2.49 -3.97
C PHE D 215 -16.43 1.43 -2.89
N GLU D 216 -15.55 0.44 -2.85
CA GLU D 216 -15.68 -0.63 -1.87
C GLU D 216 -15.46 -0.16 -0.45
N GLY D 217 -14.65 0.87 -0.24
CA GLY D 217 -14.30 1.31 1.10
C GLY D 217 -15.07 2.51 1.60
N VAL D 218 -16.21 2.82 0.99
CA VAL D 218 -16.98 3.99 1.38
C VAL D 218 -17.57 3.78 2.77
N THR D 219 -17.71 4.89 3.51
CA THR D 219 -18.27 4.82 4.85
C THR D 219 -19.73 4.39 4.83
N ALA D 220 -20.51 4.94 3.90
CA ALA D 220 -21.92 4.59 3.79
C ALA D 220 -22.38 4.90 2.37
N ILE D 221 -23.53 4.33 2.01
CA ILE D 221 -24.13 4.52 0.71
C ILE D 221 -25.48 5.20 0.90
N ILE D 222 -25.68 6.32 0.22
CA ILE D 222 -26.93 7.06 0.30
C ILE D 222 -27.77 6.72 -0.92
N PHE D 223 -28.94 6.16 -0.70
CA PHE D 223 -29.85 5.76 -1.77
C PHE D 223 -31.10 6.64 -1.69
N CYS D 224 -31.39 7.33 -2.77
CA CYS D 224 -32.54 8.24 -2.85
C CYS D 224 -33.61 7.60 -3.71
N VAL D 225 -34.82 7.48 -3.16
CA VAL D 225 -35.97 6.93 -3.88
C VAL D 225 -37.12 7.91 -3.72
N ALA D 226 -37.77 8.24 -4.83
CA ALA D 226 -38.89 9.17 -4.84
C ALA D 226 -40.18 8.39 -4.58
N LEU D 227 -40.87 8.73 -3.49
CA LEU D 227 -42.12 8.06 -3.16
C LEU D 227 -43.26 8.41 -4.10
N SER D 228 -43.12 9.46 -4.91
CA SER D 228 -44.17 9.87 -5.83
C SER D 228 -44.04 9.24 -7.21
N ASP D 229 -43.09 8.32 -7.39
CA ASP D 229 -42.88 7.65 -8.67
C ASP D 229 -43.43 6.22 -8.64
N TYR D 230 -44.31 5.92 -7.69
CA TYR D 230 -44.94 4.61 -7.65
C TYR D 230 -45.89 4.42 -8.83
N ASP D 231 -46.48 5.51 -9.32
CA ASP D 231 -47.43 5.48 -10.43
C ASP D 231 -46.71 5.72 -11.75
N LEU D 232 -45.81 6.70 -11.79
CA LEU D 232 -45.14 7.07 -13.03
C LEU D 232 -44.31 5.92 -13.58
N VAL D 233 -44.26 5.83 -14.91
CA VAL D 233 -43.51 4.81 -15.61
C VAL D 233 -42.48 5.49 -16.49
N LEU D 234 -41.36 4.81 -16.74
CA LEU D 234 -40.27 5.35 -17.54
C LEU D 234 -40.69 5.56 -18.99
N ALA D 235 -39.79 6.12 -19.81
CA ALA D 235 -40.09 6.31 -21.21
C ALA D 235 -40.35 4.99 -21.91
N GLU D 236 -39.55 3.96 -21.60
CA GLU D 236 -39.77 2.61 -22.12
C GLU D 236 -40.82 1.91 -21.24
N ASP D 237 -42.06 2.37 -21.38
CA ASP D 237 -43.15 1.85 -20.59
C ASP D 237 -43.57 0.46 -21.07
N GLU D 238 -43.02 -0.57 -20.45
CA GLU D 238 -43.33 -1.96 -20.76
C GLU D 238 -43.80 -2.70 -19.52
N GLU D 239 -44.66 -2.04 -18.73
CA GLU D 239 -45.18 -2.53 -17.46
C GLU D 239 -44.17 -2.45 -16.33
N MET D 240 -42.93 -2.04 -16.60
CA MET D 240 -41.91 -1.89 -15.57
C MET D 240 -42.03 -0.49 -14.97
N ASN D 241 -42.54 -0.41 -13.75
CA ASN D 241 -42.72 0.87 -13.10
C ASN D 241 -41.36 1.52 -12.80
N ARG D 242 -41.36 2.86 -12.77
CA ARG D 242 -40.15 3.59 -12.41
C ARG D 242 -39.66 3.18 -11.03
N MET D 243 -40.57 3.10 -10.07
CA MET D 243 -40.14 2.76 -8.72
C MET D 243 -39.91 1.27 -8.57
N HIS D 244 -40.53 0.44 -9.42
CA HIS D 244 -40.13 -0.96 -9.50
C HIS D 244 -38.68 -1.09 -9.92
N GLU D 245 -38.27 -0.33 -10.93
CA GLU D 245 -36.84 -0.28 -11.29
C GLU D 245 -36.01 0.28 -10.15
N SER D 246 -36.58 1.23 -9.38
CA SER D 246 -35.88 1.75 -8.23
C SER D 246 -35.58 0.66 -7.21
N MET D 247 -36.58 -0.17 -6.88
CA MET D 247 -36.29 -1.25 -5.93
C MET D 247 -35.40 -2.32 -6.54
N LYS D 248 -35.47 -2.56 -7.85
CA LYS D 248 -34.50 -3.47 -8.46
C LYS D 248 -33.08 -2.95 -8.28
N LEU D 249 -32.89 -1.64 -8.49
CA LEU D 249 -31.58 -1.03 -8.27
C LEU D 249 -31.16 -1.13 -6.82
N PHE D 250 -32.09 -0.91 -5.89
CA PHE D 250 -31.76 -1.01 -4.47
C PHE D 250 -31.34 -2.43 -4.10
N ASP D 251 -32.05 -3.43 -4.62
CA ASP D 251 -31.67 -4.82 -4.37
C ASP D 251 -30.28 -5.12 -4.94
N SER D 252 -30.02 -4.66 -6.16
CA SER D 252 -28.71 -4.90 -6.78
C SER D 252 -27.59 -4.26 -5.97
N ILE D 253 -27.83 -3.04 -5.48
CA ILE D 253 -26.80 -2.34 -4.71
C ILE D 253 -26.61 -3.00 -3.35
N CYS D 254 -27.71 -3.34 -2.67
CA CYS D 254 -27.63 -3.90 -1.32
C CYS D 254 -26.97 -5.27 -1.34
N ASN D 255 -27.29 -6.10 -2.31
CA ASN D 255 -26.76 -7.45 -2.38
C ASN D 255 -25.46 -7.54 -3.17
N ASN D 256 -24.83 -6.42 -3.48
CA ASN D 256 -23.57 -6.44 -4.20
C ASN D 256 -22.45 -6.99 -3.32
N LYS D 257 -21.61 -7.83 -3.94
CA LYS D 257 -20.53 -8.48 -3.19
C LYS D 257 -19.58 -7.47 -2.56
N TRP D 258 -19.42 -6.30 -3.18
CA TRP D 258 -18.52 -5.29 -2.64
C TRP D 258 -19.12 -4.49 -1.49
N PHE D 259 -20.41 -4.67 -1.22
CA PHE D 259 -21.11 -3.89 -0.19
C PHE D 259 -21.71 -4.80 0.87
N THR D 260 -20.94 -5.80 1.30
CA THR D 260 -21.43 -6.70 2.35
C THR D 260 -21.43 -6.00 3.70
N ASP D 261 -20.50 -5.08 3.93
CA ASP D 261 -20.38 -4.42 5.22
C ASP D 261 -20.43 -2.91 5.03
N THR D 262 -21.42 -2.44 4.26
CA THR D 262 -21.60 -1.01 4.00
C THR D 262 -23.05 -0.65 4.27
N SER D 263 -23.30 0.09 5.34
CA SER D 263 -24.66 0.48 5.68
C SER D 263 -25.21 1.44 4.63
N ILE D 264 -26.53 1.41 4.47
CA ILE D 264 -27.22 2.18 3.44
C ILE D 264 -28.14 3.17 4.14
N ILE D 265 -28.03 4.44 3.78
CA ILE D 265 -28.95 5.47 4.24
C ILE D 265 -30.00 5.64 3.16
N LEU D 266 -31.23 5.21 3.45
CA LEU D 266 -32.32 5.24 2.50
C LEU D 266 -33.07 6.56 2.65
N PHE D 267 -32.87 7.46 1.70
CA PHE D 267 -33.53 8.76 1.71
C PHE D 267 -34.80 8.65 0.88
N LEU D 268 -35.95 8.80 1.53
CA LEU D 268 -37.25 8.70 0.88
C LEU D 268 -37.74 10.13 0.61
N ASN D 269 -37.78 10.51 -0.66
CA ASN D 269 -38.03 11.88 -1.06
C ASN D 269 -39.48 12.11 -1.44
N LYS D 270 -39.84 13.40 -1.52
CA LYS D 270 -41.14 13.85 -2.03
C LYS D 270 -42.30 13.25 -1.22
N LYS D 271 -42.12 13.24 0.11
CA LYS D 271 -43.16 12.71 0.97
C LYS D 271 -44.44 13.54 0.93
N ASP D 272 -44.33 14.87 0.86
CA ASP D 272 -45.52 15.71 0.82
C ASP D 272 -46.30 15.51 -0.47
N LEU D 273 -45.60 15.47 -1.61
CA LEU D 273 -46.29 15.27 -2.88
C LEU D 273 -46.84 13.85 -2.97
N PHE D 274 -46.15 12.87 -2.36
CA PHE D 274 -46.72 11.53 -2.27
C PHE D 274 -47.99 11.52 -1.44
N GLU D 275 -48.01 12.29 -0.34
CA GLU D 275 -49.22 12.43 0.45
C GLU D 275 -50.35 13.02 -0.37
N GLU D 276 -50.04 14.05 -1.17
CA GLU D 276 -51.06 14.64 -2.03
C GLU D 276 -51.56 13.64 -3.07
N LYS D 277 -50.67 12.85 -3.64
CA LYS D 277 -51.03 11.93 -4.72
C LYS D 277 -51.80 10.72 -4.21
N ILE D 278 -51.52 10.27 -2.99
CA ILE D 278 -52.13 9.04 -2.50
C ILE D 278 -53.62 9.19 -2.26
N LYS D 279 -54.12 10.42 -2.17
CA LYS D 279 -55.56 10.62 -1.98
C LYS D 279 -56.35 10.10 -3.18
N LYS D 280 -55.87 10.38 -4.39
CA LYS D 280 -56.57 9.96 -5.61
C LYS D 280 -56.07 8.62 -6.11
N SER D 281 -54.78 8.53 -6.43
CA SER D 281 -54.21 7.31 -6.97
C SER D 281 -54.00 6.29 -5.86
N PRO D 282 -54.59 5.10 -5.95
CA PRO D 282 -54.35 4.07 -4.94
C PRO D 282 -52.94 3.52 -5.05
N LEU D 283 -52.45 2.98 -3.93
CA LEU D 283 -51.14 2.35 -3.90
C LEU D 283 -51.19 0.90 -4.37
N THR D 284 -52.37 0.36 -4.66
CA THR D 284 -52.51 -1.03 -5.05
C THR D 284 -52.21 -1.27 -6.53
N ILE D 285 -52.05 -0.21 -7.33
CA ILE D 285 -51.78 -0.40 -8.75
C ILE D 285 -50.42 -1.06 -8.95
N CYS D 286 -49.40 -0.56 -8.25
CA CYS D 286 -48.06 -1.13 -8.34
C CYS D 286 -47.69 -1.99 -7.14
N TYR D 287 -48.52 -1.99 -6.09
CA TYR D 287 -48.42 -2.95 -4.98
C TYR D 287 -49.78 -3.62 -4.82
N PRO D 288 -50.09 -4.61 -5.68
CA PRO D 288 -51.38 -5.29 -5.56
C PRO D 288 -51.57 -6.01 -4.23
N GLU D 289 -50.51 -6.53 -3.63
CA GLU D 289 -50.62 -7.26 -2.37
C GLU D 289 -50.86 -6.35 -1.17
N TYR D 290 -51.11 -5.06 -1.36
CA TYR D 290 -51.41 -4.18 -0.24
C TYR D 290 -52.73 -4.60 0.41
N ALA D 291 -52.73 -4.69 1.74
CA ALA D 291 -53.91 -5.05 2.52
C ALA D 291 -54.11 -4.09 3.67
N GLY D 292 -53.79 -2.82 3.45
CA GLY D 292 -53.94 -1.79 4.46
C GLY D 292 -54.70 -0.59 3.93
N SER D 293 -54.96 0.35 4.82
CA SER D 293 -55.68 1.56 4.46
C SER D 293 -54.79 2.44 3.58
N ASN D 294 -55.45 3.34 2.83
CA ASN D 294 -54.77 4.21 1.88
C ASN D 294 -54.30 5.51 2.51
N THR D 295 -54.10 5.53 3.83
CA THR D 295 -53.58 6.72 4.48
C THR D 295 -52.06 6.80 4.30
N TYR D 296 -51.56 8.04 4.32
CA TYR D 296 -50.15 8.27 4.01
C TYR D 296 -49.23 7.62 5.03
N GLU D 297 -49.59 7.69 6.32
CA GLU D 297 -48.72 7.14 7.35
C GLU D 297 -48.54 5.64 7.20
N GLU D 298 -49.66 4.91 7.09
CA GLU D 298 -49.58 3.47 6.94
C GLU D 298 -48.93 3.08 5.62
N ALA D 299 -49.23 3.83 4.55
CA ALA D 299 -48.60 3.56 3.27
C ALA D 299 -47.09 3.72 3.35
N ALA D 300 -46.63 4.78 4.02
CA ALA D 300 -45.19 5.02 4.16
C ALA D 300 -44.53 3.93 5.00
N ALA D 301 -45.18 3.54 6.10
CA ALA D 301 -44.61 2.47 6.93
C ALA D 301 -44.52 1.17 6.15
N TYR D 302 -45.57 0.82 5.40
CA TYR D 302 -45.57 -0.41 4.64
C TYR D 302 -44.52 -0.39 3.54
N ILE D 303 -44.37 0.74 2.84
CA ILE D 303 -43.39 0.78 1.76
C ILE D 303 -41.98 0.80 2.33
N GLN D 304 -41.80 1.39 3.52
CA GLN D 304 -40.51 1.32 4.20
C GLN D 304 -40.14 -0.12 4.53
N CYS D 305 -41.09 -0.87 5.10
CA CYS D 305 -40.79 -2.27 5.41
C CYS D 305 -40.55 -3.08 4.15
N GLN D 306 -41.28 -2.79 3.07
CA GLN D 306 -41.02 -3.48 1.81
C GLN D 306 -39.63 -3.18 1.28
N PHE D 307 -39.20 -1.93 1.36
CA PHE D 307 -37.85 -1.57 0.91
C PHE D 307 -36.79 -2.27 1.76
N GLU D 308 -36.98 -2.30 3.08
CA GLU D 308 -36.02 -2.98 3.93
C GLU D 308 -36.07 -4.50 3.78
N ASP D 309 -37.15 -5.04 3.22
CA ASP D 309 -37.25 -6.48 3.05
C ASP D 309 -36.21 -7.03 2.08
N LEU D 310 -35.82 -6.25 1.08
CA LEU D 310 -34.90 -6.75 0.06
C LEU D 310 -33.49 -6.99 0.58
N ASN D 311 -33.17 -6.53 1.80
CA ASN D 311 -31.85 -6.75 2.36
C ASN D 311 -31.73 -8.21 2.77
N LYS D 312 -30.77 -8.92 2.19
CA LYS D 312 -30.50 -10.31 2.52
C LYS D 312 -29.28 -10.49 3.41
N ARG D 313 -28.69 -9.39 3.89
CA ARG D 313 -27.50 -9.42 4.73
C ARG D 313 -27.75 -8.63 6.01
N LYS D 314 -28.87 -8.92 6.67
CA LYS D 314 -29.27 -8.16 7.85
C LYS D 314 -28.25 -8.28 8.98
N ASP D 315 -27.49 -9.38 9.00
CA ASP D 315 -26.52 -9.58 10.08
C ASP D 315 -25.42 -8.54 10.04
N THR D 316 -24.92 -8.19 8.86
CA THR D 316 -23.78 -7.30 8.74
C THR D 316 -24.20 -5.84 8.59
N LYS D 317 -24.98 -5.53 7.58
CA LYS D 317 -25.36 -4.16 7.27
C LYS D 317 -26.74 -3.83 7.82
N GLU D 318 -26.99 -2.54 8.01
CA GLU D 318 -28.27 -2.06 8.47
C GLU D 318 -28.65 -0.81 7.67
N ILE D 319 -29.95 -0.63 7.45
CA ILE D 319 -30.47 0.46 6.66
C ILE D 319 -31.03 1.52 7.60
N TYR D 320 -30.61 2.77 7.40
CA TYR D 320 -31.14 3.91 8.14
C TYR D 320 -32.05 4.67 7.19
N THR D 321 -33.36 4.55 7.39
CA THR D 321 -34.34 5.15 6.50
C THR D 321 -34.83 6.48 7.07
N HIS D 322 -34.79 7.52 6.25
CA HIS D 322 -35.25 8.84 6.66
C HIS D 322 -36.04 9.49 5.54
N PHE D 323 -37.10 10.20 5.92
CA PHE D 323 -37.93 10.95 5.00
C PHE D 323 -37.41 12.38 4.89
N THR D 324 -37.20 12.85 3.65
CA THR D 324 -36.72 14.20 3.44
C THR D 324 -37.75 15.20 3.95
N CYS D 325 -37.28 16.23 4.65
CA CYS D 325 -38.14 17.26 5.21
C CYS D 325 -37.77 18.61 4.63
N SER D 326 -38.47 19.66 5.08
CA SER D 326 -38.31 20.98 4.50
C SER D 326 -36.94 21.56 4.81
N THR D 327 -36.53 21.52 6.09
CA THR D 327 -35.27 22.13 6.50
C THR D 327 -34.11 21.16 6.30
N ASP D 328 -33.01 21.68 5.77
CA ASP D 328 -31.82 20.85 5.55
C ASP D 328 -31.18 20.37 6.85
N THR D 329 -31.48 21.03 7.97
CA THR D 329 -30.84 20.65 9.24
C THR D 329 -31.20 19.23 9.63
N LYS D 330 -32.47 18.85 9.51
CA LYS D 330 -32.91 17.53 9.94
C LYS D 330 -32.25 16.44 9.09
N ASN D 331 -32.23 16.61 7.77
CA ASN D 331 -31.75 15.57 6.89
C ASN D 331 -30.25 15.67 6.62
N VAL D 332 -29.54 16.61 7.25
CA VAL D 332 -28.09 16.49 7.33
C VAL D 332 -27.73 15.92 8.70
N GLN D 333 -28.55 16.19 9.71
CA GLN D 333 -28.32 15.61 11.04
C GLN D 333 -28.54 14.11 11.02
N PHE D 334 -29.52 13.64 10.23
CA PHE D 334 -29.70 12.20 10.08
C PHE D 334 -28.45 11.55 9.49
N VAL D 335 -27.89 12.18 8.45
CA VAL D 335 -26.67 11.65 7.84
C VAL D 335 -25.53 11.66 8.84
N PHE D 336 -25.39 12.74 9.61
CA PHE D 336 -24.32 12.81 10.60
C PHE D 336 -24.46 11.71 11.66
N ASP D 337 -25.68 11.49 12.16
CA ASP D 337 -25.89 10.44 13.14
C ASP D 337 -25.60 9.07 12.55
N ALA D 338 -26.05 8.82 11.32
CA ALA D 338 -25.80 7.53 10.70
C ALA D 338 -24.31 7.28 10.50
N VAL D 339 -23.57 8.29 10.01
CA VAL D 339 -22.15 8.10 9.77
C VAL D 339 -21.40 7.95 11.09
N THR D 340 -21.82 8.67 12.13
CA THR D 340 -21.18 8.50 13.44
C THR D 340 -21.40 7.07 13.95
N ASP D 341 -22.62 6.57 13.83
CA ASP D 341 -22.90 5.21 14.28
C ASP D 341 -22.09 4.19 13.49
N VAL D 342 -22.00 4.36 12.17
CA VAL D 342 -21.30 3.37 11.38
C VAL D 342 -19.79 3.43 11.63
N ILE D 343 -19.22 4.62 11.81
CA ILE D 343 -17.78 4.68 12.06
C ILE D 343 -17.48 4.09 13.43
N ILE D 344 -18.36 4.31 14.40
CA ILE D 344 -18.20 3.64 15.69
C ILE D 344 -18.23 2.13 15.53
N LYS D 345 -19.16 1.63 14.70
CA LYS D 345 -19.27 0.18 14.51
C LYS D 345 -18.02 -0.40 13.83
N ASN D 346 -17.52 0.27 12.80
CA ASN D 346 -16.30 -0.25 12.16
C ASN D 346 -15.09 -0.13 13.09
N ASN D 347 -15.02 0.92 13.90
CA ASN D 347 -13.94 1.02 14.87
C ASN D 347 -13.99 -0.13 15.86
N LEU D 348 -15.18 -0.49 16.32
CA LEU D 348 -15.35 -1.57 17.28
C LEU D 348 -15.23 -2.95 16.66
N LYS D 349 -15.36 -3.07 15.34
CA LYS D 349 -15.27 -4.36 14.67
C LYS D 349 -13.92 -4.62 14.01
N ASP D 350 -13.13 -3.59 13.68
CA ASP D 350 -11.88 -3.83 12.99
C ASP D 350 -10.81 -4.38 13.93
N CYS D 351 -10.78 -3.91 15.18
CA CYS D 351 -9.68 -4.19 16.10
C CYS D 351 -9.85 -5.51 16.85
N GLY D 352 -10.98 -6.20 16.69
CA GLY D 352 -11.22 -7.47 17.35
C GLY D 352 -12.24 -7.38 18.47
N LEU D 353 -12.55 -6.17 18.93
CA LEU D 353 -13.54 -6.02 19.98
C LEU D 353 -14.93 -6.34 19.46
N PHE D 354 -15.90 -6.40 20.37
CA PHE D 354 -17.30 -6.68 20.06
C PHE D 354 -17.49 -8.04 19.39
N LEU E 30 12.63 -38.93 57.91
CA LEU E 30 11.70 -39.66 57.06
C LEU E 30 10.34 -38.96 57.03
N THR E 31 9.90 -38.50 58.21
CA THR E 31 8.67 -37.73 58.38
C THR E 31 7.42 -38.56 58.06
N PHE E 32 7.60 -39.82 57.68
CA PHE E 32 6.51 -40.73 57.32
C PHE E 32 5.63 -40.03 56.27
N SER E 33 4.31 -40.01 56.44
CA SER E 33 3.37 -39.34 55.53
C SER E 33 3.36 -39.96 54.14
N SER E 34 2.32 -39.67 53.37
CA SER E 34 2.16 -40.22 52.03
C SER E 34 1.22 -39.29 51.25
N TYR E 35 0.76 -39.77 50.09
CA TYR E 35 -0.16 -39.00 49.27
C TYR E 35 -1.50 -38.76 49.94
N TYR E 36 -1.81 -39.51 51.01
CA TYR E 36 -3.12 -39.41 51.67
C TYR E 36 -3.16 -38.18 52.56
N GLN E 37 -3.25 -37.01 51.91
CA GLN E 37 -3.57 -35.79 52.64
C GLN E 37 -4.94 -35.91 53.28
N HIS E 38 -5.90 -36.45 52.53
CA HIS E 38 -7.20 -36.89 53.04
C HIS E 38 -7.65 -38.04 52.15
N THR E 39 -8.65 -38.78 52.60
CA THR E 39 -8.98 -40.03 51.91
C THR E 39 -9.82 -39.78 50.65
N SER E 40 -11.05 -39.32 50.83
CA SER E 40 -11.93 -39.02 49.70
C SER E 40 -11.76 -37.62 49.11
N PRO E 41 -11.80 -36.55 49.92
CA PRO E 41 -12.11 -35.23 49.32
C PRO E 41 -10.99 -34.65 48.49
N VAL E 42 -9.75 -34.67 48.99
CA VAL E 42 -8.66 -34.03 48.26
C VAL E 42 -8.42 -34.74 46.93
N ALA E 43 -8.36 -36.07 46.95
CA ALA E 43 -8.14 -36.83 45.73
C ALA E 43 -9.29 -36.60 44.74
N ALA E 44 -10.53 -36.67 45.24
CA ALA E 44 -11.69 -36.49 44.37
C ALA E 44 -11.65 -35.13 43.69
N MET E 45 -11.62 -34.05 44.48
CA MET E 45 -11.67 -32.71 43.89
C MET E 45 -10.45 -32.46 43.01
N PHE E 46 -9.26 -32.86 43.47
CA PHE E 46 -8.04 -32.68 42.70
C PHE E 46 -8.20 -33.28 41.31
N ILE E 47 -8.40 -34.60 41.26
CA ILE E 47 -8.46 -35.29 39.97
C ILE E 47 -9.55 -34.69 39.10
N VAL E 48 -10.78 -34.62 39.63
CA VAL E 48 -11.91 -34.23 38.79
C VAL E 48 -11.76 -32.79 38.32
N ALA E 49 -11.66 -31.84 39.27
CA ALA E 49 -11.65 -30.43 38.91
C ALA E 49 -10.45 -30.06 38.05
N TYR E 50 -9.26 -30.57 38.39
CA TYR E 50 -8.10 -30.20 37.60
C TYR E 50 -8.14 -30.85 36.22
N ALA E 51 -8.73 -32.05 36.12
CA ALA E 51 -8.95 -32.62 34.80
C ALA E 51 -9.87 -31.75 33.97
N LEU E 52 -10.95 -31.24 34.58
CA LEU E 52 -11.87 -30.38 33.83
C LEU E 52 -11.19 -29.11 33.35
N ILE E 53 -10.47 -28.43 34.25
CA ILE E 53 -9.84 -27.17 33.82
C ILE E 53 -8.78 -27.44 32.76
N PHE E 54 -8.05 -28.55 32.91
CA PHE E 54 -7.05 -28.90 31.90
C PHE E 54 -7.70 -29.14 30.55
N LEU E 55 -8.78 -29.94 30.51
CA LEU E 55 -9.39 -30.26 29.22
C LEU E 55 -9.97 -29.02 28.57
N LEU E 56 -10.65 -28.17 29.36
CA LEU E 56 -11.18 -26.93 28.79
C LEU E 56 -10.07 -26.06 28.25
N CYS E 57 -8.96 -25.95 29.00
CA CYS E 57 -7.82 -25.17 28.53
C CYS E 57 -7.33 -25.69 27.18
N MET E 58 -7.10 -27.01 27.07
CA MET E 58 -6.53 -27.51 25.84
C MET E 58 -7.50 -27.35 24.67
N VAL E 59 -8.78 -27.64 24.86
CA VAL E 59 -9.70 -27.56 23.72
C VAL E 59 -9.83 -26.11 23.25
N GLY E 60 -10.01 -25.17 24.18
CA GLY E 60 -10.12 -23.78 23.79
C GLY E 60 -8.85 -23.26 23.12
N ASN E 61 -7.69 -23.61 23.68
CA ASN E 61 -6.43 -23.08 23.16
C ASN E 61 -6.11 -23.66 21.79
N THR E 62 -6.33 -24.97 21.61
CA THR E 62 -6.08 -25.57 20.30
C THR E 62 -7.10 -25.13 19.27
N LEU E 63 -8.34 -24.86 19.69
CA LEU E 63 -9.32 -24.29 18.76
C LEU E 63 -8.89 -22.90 18.31
N VAL E 64 -8.42 -22.08 19.25
CA VAL E 64 -7.92 -20.76 18.91
C VAL E 64 -6.74 -20.87 17.94
N CYS E 65 -5.84 -21.84 18.21
CA CYS E 65 -4.72 -22.06 17.31
C CYS E 65 -5.19 -22.47 15.91
N PHE E 66 -6.23 -23.30 15.83
CA PHE E 66 -6.76 -23.71 14.54
C PHE E 66 -7.32 -22.51 13.78
N ILE E 67 -8.09 -21.65 14.45
CA ILE E 67 -8.65 -20.49 13.77
C ILE E 67 -7.53 -19.56 13.31
N VAL E 68 -6.52 -19.33 14.16
CA VAL E 68 -5.50 -18.36 13.78
C VAL E 68 -4.62 -18.91 12.66
N LEU E 69 -4.40 -20.22 12.62
CA LEU E 69 -3.63 -20.79 11.52
C LEU E 69 -4.44 -20.81 10.23
N LYS E 70 -5.76 -20.99 10.32
CA LYS E 70 -6.61 -20.91 9.14
C LYS E 70 -6.89 -19.47 8.71
N ASN E 71 -6.56 -18.49 9.57
CA ASN E 71 -6.84 -17.10 9.27
C ASN E 71 -5.98 -16.61 8.11
N ARG E 72 -6.59 -15.81 7.23
CA ARG E 72 -5.90 -15.27 6.08
C ARG E 72 -6.13 -13.77 5.87
N HIS E 73 -7.16 -13.19 6.46
CA HIS E 73 -7.48 -11.78 6.26
C HIS E 73 -7.12 -10.91 7.46
N MET E 74 -6.71 -11.49 8.58
CA MET E 74 -6.44 -10.72 9.79
C MET E 74 -5.04 -10.96 10.32
N HIS E 75 -4.03 -10.89 9.44
CA HIS E 75 -2.65 -11.10 9.86
C HIS E 75 -2.13 -9.96 10.72
N THR E 76 -3.00 -9.03 11.10
CA THR E 76 -2.64 -7.89 11.92
C THR E 76 -2.57 -8.32 13.39
N VAL E 77 -2.53 -7.33 14.28
CA VAL E 77 -2.42 -7.57 15.73
C VAL E 77 -3.39 -8.64 16.20
N THR E 78 -4.62 -8.62 15.67
CA THR E 78 -5.68 -9.56 16.06
C THR E 78 -5.29 -11.01 15.87
N ASN E 79 -4.16 -11.29 15.23
CA ASN E 79 -3.64 -12.64 15.14
C ASN E 79 -2.38 -12.84 15.97
N MET E 80 -1.42 -11.90 15.91
CA MET E 80 -0.16 -12.12 16.62
C MET E 80 -0.34 -12.05 18.13
N PHE E 81 -1.14 -11.11 18.63
CA PHE E 81 -1.37 -11.06 20.08
C PHE E 81 -2.16 -12.28 20.53
N ILE E 82 -3.04 -12.79 19.67
CA ILE E 82 -3.79 -14.00 20.00
C ILE E 82 -2.87 -15.20 20.05
N LEU E 83 -1.90 -15.29 19.13
CA LEU E 83 -0.89 -16.34 19.21
C LEU E 83 -0.08 -16.24 20.50
N ASN E 84 0.30 -15.02 20.89
CA ASN E 84 1.06 -14.88 22.12
C ASN E 84 0.24 -15.34 23.32
N LEU E 85 -1.04 -14.95 23.37
CA LEU E 85 -1.89 -15.40 24.46
C LEU E 85 -2.05 -16.91 24.43
N ALA E 86 -2.13 -17.49 23.23
CA ALA E 86 -2.26 -18.94 23.11
C ALA E 86 -1.03 -19.67 23.64
N VAL E 87 0.17 -19.22 23.26
CA VAL E 87 1.38 -19.90 23.73
C VAL E 87 1.57 -19.68 25.22
N SER E 88 1.23 -18.49 25.72
CA SER E 88 1.25 -18.27 27.17
C SER E 88 0.26 -19.22 27.86
N ASP E 89 -0.87 -19.50 27.21
CA ASP E 89 -1.79 -20.51 27.71
C ASP E 89 -1.14 -21.88 27.74
N LEU E 90 -0.42 -22.24 26.67
CA LEU E 90 0.32 -23.51 26.65
C LEU E 90 1.22 -23.63 27.88
N LEU E 91 2.02 -22.59 28.16
CA LEU E 91 2.92 -22.69 29.30
C LEU E 91 2.15 -22.71 30.62
N VAL E 92 1.24 -21.76 30.82
CA VAL E 92 0.47 -21.68 32.07
C VAL E 92 -0.41 -22.89 32.26
N GLY E 93 -0.49 -23.76 31.26
CA GLY E 93 -1.12 -25.07 31.35
C GLY E 93 -0.04 -26.12 31.57
N ILE E 94 0.43 -26.73 30.48
CA ILE E 94 1.23 -27.95 30.59
C ILE E 94 2.48 -27.76 31.45
N PHE E 95 2.94 -26.51 31.64
CA PHE E 95 4.15 -26.30 32.43
C PHE E 95 3.87 -25.94 33.88
N CYS E 96 2.60 -25.77 34.27
CA CYS E 96 2.30 -25.44 35.67
C CYS E 96 1.31 -26.41 36.31
N MET E 97 0.27 -26.82 35.58
CA MET E 97 -0.71 -27.73 36.17
C MET E 97 -0.13 -29.08 36.54
N PRO E 98 0.57 -29.80 35.66
CA PRO E 98 1.07 -31.12 36.08
C PRO E 98 2.14 -31.05 37.15
N THR E 99 2.99 -30.02 37.15
CA THR E 99 3.97 -29.89 38.22
C THR E 99 3.28 -29.54 39.54
N THR E 100 2.18 -28.78 39.49
CA THR E 100 1.42 -28.55 40.72
C THR E 100 0.78 -29.83 41.22
N LEU E 101 0.25 -30.66 40.33
CA LEU E 101 -0.26 -31.96 40.76
C LEU E 101 0.84 -32.79 41.41
N VAL E 102 2.02 -32.83 40.79
CA VAL E 102 3.12 -33.61 41.33
C VAL E 102 3.53 -33.08 42.70
N ASP E 103 3.57 -31.75 42.86
CA ASP E 103 3.97 -31.17 44.12
C ASP E 103 2.95 -31.41 45.22
N ASN E 104 1.66 -31.39 44.86
CA ASN E 104 0.60 -31.51 45.85
C ASN E 104 0.17 -32.95 46.09
N LEU E 105 0.70 -33.92 45.33
CA LEU E 105 0.32 -35.32 45.56
C LEU E 105 0.70 -35.79 46.96
N ILE E 106 2.00 -35.83 47.27
CA ILE E 106 2.43 -36.43 48.53
C ILE E 106 2.97 -35.37 49.47
N THR E 107 4.15 -34.83 49.15
CA THR E 107 4.71 -33.70 49.88
C THR E 107 5.37 -32.64 49.01
N GLY E 108 5.81 -32.99 47.81
CA GLY E 108 6.56 -32.06 47.00
C GLY E 108 7.08 -32.73 45.74
N TRP E 109 8.10 -32.13 45.16
CA TRP E 109 8.66 -32.63 43.91
C TRP E 109 9.42 -33.94 44.17
N PRO E 110 9.06 -35.04 43.51
CA PRO E 110 9.83 -36.29 43.66
C PRO E 110 11.24 -36.17 43.09
N PHE E 111 11.33 -35.69 41.85
CA PHE E 111 12.61 -35.42 41.20
C PHE E 111 12.93 -33.95 41.38
N ASP E 112 13.97 -33.66 42.15
CA ASP E 112 14.28 -32.29 42.54
C ASP E 112 15.79 -32.08 42.46
N ASN E 113 16.23 -30.91 42.94
CA ASN E 113 17.62 -30.46 42.97
C ASN E 113 18.11 -30.10 41.57
N ALA E 114 17.30 -30.39 40.56
CA ALA E 114 17.53 -29.92 39.20
C ALA E 114 16.32 -29.21 38.64
N THR E 115 15.13 -29.79 38.78
CA THR E 115 13.94 -29.29 38.09
C THR E 115 13.37 -28.04 38.74
N CYS E 116 13.46 -27.93 40.07
CA CYS E 116 12.75 -26.89 40.82
C CYS E 116 12.99 -25.49 40.27
N LYS E 117 14.25 -25.13 40.05
CA LYS E 117 14.61 -23.80 39.59
C LYS E 117 13.90 -23.46 38.28
N MET E 118 14.18 -24.25 37.24
CA MET E 118 13.63 -23.96 35.91
C MET E 118 12.11 -24.05 35.92
N SER E 119 11.54 -25.04 36.61
CA SER E 119 10.09 -25.17 36.64
C SER E 119 9.43 -23.97 37.30
N GLY E 120 9.96 -23.53 38.45
CA GLY E 120 9.39 -22.36 39.10
C GLY E 120 9.52 -21.11 38.27
N LEU E 121 10.69 -20.91 37.65
CA LEU E 121 10.87 -19.68 36.88
C LEU E 121 9.97 -19.69 35.64
N VAL E 122 9.76 -20.85 35.03
CA VAL E 122 8.90 -20.88 33.85
C VAL E 122 7.44 -20.69 34.23
N GLN E 123 7.02 -21.23 35.38
CA GLN E 123 5.64 -20.97 35.84
C GLN E 123 5.43 -19.47 36.09
N GLY E 124 6.36 -18.85 36.81
CA GLY E 124 6.28 -17.40 37.00
C GLY E 124 6.33 -16.66 35.68
N MET E 125 7.14 -17.14 34.73
CA MET E 125 7.25 -16.52 33.43
C MET E 125 5.90 -16.51 32.73
N SER E 126 5.23 -17.66 32.73
CA SER E 126 3.96 -17.79 32.03
C SER E 126 2.86 -16.97 32.72
N VAL E 127 2.83 -16.97 34.05
CA VAL E 127 1.80 -16.19 34.74
C VAL E 127 1.97 -14.70 34.46
N SER E 128 3.20 -14.19 34.63
CA SER E 128 3.45 -12.78 34.38
C SER E 128 3.23 -12.44 32.91
N ALA E 129 3.63 -13.34 32.01
CA ALA E 129 3.46 -13.08 30.58
C ALA E 129 1.98 -13.02 30.20
N SER E 130 1.16 -13.90 30.76
CA SER E 130 -0.27 -13.83 30.50
C SER E 130 -0.86 -12.54 31.02
N VAL E 131 -0.49 -12.13 32.24
CA VAL E 131 -1.04 -10.89 32.79
C VAL E 131 -0.64 -9.70 31.93
N PHE E 132 0.64 -9.62 31.55
CA PHE E 132 1.10 -8.49 30.76
C PHE E 132 0.59 -8.55 29.32
N THR E 133 0.33 -9.75 28.80
CA THR E 133 -0.30 -9.85 27.49
C THR E 133 -1.72 -9.30 27.52
N LEU E 134 -2.47 -9.63 28.57
CA LEU E 134 -3.80 -9.03 28.72
C LEU E 134 -3.70 -7.51 28.83
N VAL E 135 -2.73 -7.03 29.62
CA VAL E 135 -2.56 -5.58 29.77
C VAL E 135 -2.23 -4.94 28.43
N ALA E 136 -1.33 -5.55 27.67
CA ALA E 136 -0.88 -4.99 26.40
C ALA E 136 -2.00 -4.99 25.37
N ILE E 137 -2.79 -6.06 25.32
CA ILE E 137 -3.90 -6.10 24.38
C ILE E 137 -4.96 -5.06 24.75
N ALA E 138 -5.16 -4.86 26.06
CA ALA E 138 -6.08 -3.81 26.49
C ALA E 138 -5.57 -2.43 26.08
N VAL E 139 -4.27 -2.18 26.24
CA VAL E 139 -3.69 -0.90 25.83
C VAL E 139 -3.85 -0.72 24.32
N GLU E 140 -3.60 -1.78 23.55
CA GLU E 140 -3.73 -1.68 22.10
C GLU E 140 -5.17 -1.36 21.69
N ARG E 141 -6.14 -2.05 22.29
CA ARG E 141 -7.54 -1.75 21.99
C ARG E 141 -7.90 -0.32 22.36
N PHE E 142 -7.47 0.12 23.55
CA PHE E 142 -7.74 1.48 23.99
C PHE E 142 -7.18 2.49 23.00
N ARG E 143 -5.91 2.33 22.64
CA ARG E 143 -5.29 3.27 21.70
C ARG E 143 -6.02 3.27 20.36
N CYS E 144 -6.19 2.09 19.76
CA CYS E 144 -6.74 1.99 18.41
C CYS E 144 -8.22 2.33 18.33
N ILE E 145 -8.93 2.39 19.45
CA ILE E 145 -10.34 2.75 19.46
C ILE E 145 -10.56 4.20 19.88
N VAL E 146 -10.07 4.57 21.08
CA VAL E 146 -10.25 5.94 21.55
C VAL E 146 -9.52 6.92 20.64
N HIS E 147 -8.31 6.57 20.20
CA HIS E 147 -7.54 7.38 19.27
C HIS E 147 -7.39 6.59 17.97
N PRO E 148 -8.47 6.49 17.17
CA PRO E 148 -8.40 5.63 15.99
C PRO E 148 -7.37 6.07 14.96
N PHE E 149 -7.29 7.37 14.68
CA PHE E 149 -6.30 7.90 13.75
C PHE E 149 -5.10 8.45 14.51
N ARG E 150 -4.43 7.55 15.23
CA ARG E 150 -3.24 7.89 16.01
C ARG E 150 -2.43 6.63 16.20
N GLU E 151 -1.25 6.57 15.56
CA GLU E 151 -0.36 5.42 15.63
C GLU E 151 -1.08 4.13 15.22
N LYS E 152 -1.57 4.14 13.98
CA LYS E 152 -2.23 2.96 13.44
C LYS E 152 -1.25 1.80 13.28
N LEU E 153 0.05 2.07 13.32
CA LEU E 153 1.07 1.05 13.09
C LEU E 153 1.03 -0.03 14.17
N THR E 154 0.67 -1.24 13.78
CA THR E 154 0.84 -2.44 14.59
C THR E 154 1.82 -3.38 13.90
N LEU E 155 2.87 -2.80 13.33
CA LEU E 155 3.79 -3.47 12.42
C LEU E 155 4.89 -4.19 13.22
N ARG E 156 5.99 -4.51 12.55
CA ARG E 156 7.11 -5.17 13.20
C ARG E 156 7.55 -4.48 14.48
N LYS E 157 7.25 -3.19 14.65
CA LYS E 157 7.44 -2.56 15.96
C LYS E 157 6.55 -3.21 17.01
N ALA E 158 5.27 -3.43 16.67
CA ALA E 158 4.40 -4.16 17.58
C ALA E 158 4.92 -5.58 17.80
N LEU E 159 5.37 -6.23 16.72
CA LEU E 159 5.96 -7.57 16.84
C LEU E 159 7.12 -7.56 17.83
N VAL E 160 7.96 -6.52 17.78
CA VAL E 160 9.03 -6.37 18.76
C VAL E 160 8.46 -6.20 20.15
N THR E 161 7.32 -5.51 20.27
CA THR E 161 6.68 -5.36 21.57
C THR E 161 6.30 -6.72 22.16
N ILE E 162 5.69 -7.60 21.36
CA ILE E 162 5.39 -8.93 21.91
C ILE E 162 6.68 -9.74 22.11
N ALA E 163 7.70 -9.52 21.29
CA ALA E 163 8.97 -10.23 21.50
C ALA E 163 9.62 -9.79 22.80
N VAL E 164 9.35 -8.56 23.22
CA VAL E 164 10.04 -7.97 24.37
C VAL E 164 9.25 -8.05 25.67
N ILE E 165 7.94 -8.29 25.61
CA ILE E 165 7.20 -8.48 26.86
C ILE E 165 7.73 -9.71 27.61
N TRP E 166 8.09 -10.76 26.88
CA TRP E 166 8.71 -11.92 27.51
C TRP E 166 10.07 -11.56 28.12
N ALA E 167 10.81 -10.67 27.47
CA ALA E 167 12.06 -10.20 28.04
C ALA E 167 11.81 -9.42 29.34
N LEU E 168 10.75 -8.62 29.37
CA LEU E 168 10.40 -7.92 30.61
C LEU E 168 10.03 -8.92 31.72
N ALA E 169 9.30 -9.97 31.37
CA ALA E 169 8.99 -11.01 32.35
C ALA E 169 10.25 -11.66 32.88
N LEU E 170 11.19 -11.97 31.97
CA LEU E 170 12.49 -12.49 32.38
C LEU E 170 13.20 -11.53 33.33
N LEU E 171 13.13 -10.23 33.05
CA LEU E 171 13.84 -9.28 33.90
C LEU E 171 13.19 -9.15 35.27
N ILE E 172 11.86 -9.15 35.34
CA ILE E 172 11.22 -8.97 36.64
C ILE E 172 11.42 -10.20 37.51
N MET E 173 11.33 -11.40 36.92
CA MET E 173 11.51 -12.60 37.73
C MET E 173 12.95 -13.06 37.80
N CYS E 174 13.87 -12.36 37.13
CA CYS E 174 15.28 -12.72 37.19
C CYS E 174 15.90 -12.56 38.58
N PRO E 175 15.71 -11.46 39.31
CA PRO E 175 16.38 -11.34 40.62
C PRO E 175 16.02 -12.44 41.59
N SER E 176 14.83 -13.02 41.47
CA SER E 176 14.41 -14.12 42.32
C SER E 176 14.50 -15.47 41.63
N ALA E 177 15.15 -15.53 40.46
CA ALA E 177 15.22 -16.77 39.69
C ALA E 177 16.39 -17.65 40.14
N VAL E 178 17.61 -17.12 40.10
CA VAL E 178 18.78 -17.92 40.46
C VAL E 178 18.74 -18.27 41.95
N THR E 179 18.44 -17.29 42.80
CA THR E 179 18.38 -17.52 44.25
C THR E 179 17.03 -18.12 44.64
N LEU E 180 16.74 -19.27 44.04
CA LEU E 180 15.56 -20.08 44.33
C LEU E 180 15.99 -21.49 44.66
N THR E 181 17.00 -21.60 45.53
CA THR E 181 17.56 -22.89 45.87
C THR E 181 16.56 -23.72 46.67
N VAL E 182 16.71 -25.04 46.56
CA VAL E 182 15.77 -25.95 47.21
C VAL E 182 16.14 -26.24 48.66
N THR E 183 17.41 -26.06 49.02
CA THR E 183 17.95 -26.43 50.34
C THR E 183 17.65 -27.91 50.57
N ARG E 184 17.27 -28.32 51.78
CA ARG E 184 17.04 -29.73 52.05
C ARG E 184 16.13 -29.88 53.25
N GLU E 185 15.07 -30.68 53.09
CA GLU E 185 14.22 -31.09 54.20
C GLU E 185 14.76 -32.41 54.73
N GLU E 186 15.74 -32.30 55.63
CA GLU E 186 16.44 -33.49 56.14
C GLU E 186 15.47 -34.43 56.84
N HIS E 187 14.56 -33.89 57.63
CA HIS E 187 13.56 -34.72 58.29
C HIS E 187 12.62 -35.38 57.31
N HIS E 188 12.52 -34.86 56.09
CA HIS E 188 11.62 -35.40 55.06
C HIS E 188 12.41 -36.30 54.12
N PHE E 189 12.55 -37.56 54.50
CA PHE E 189 13.11 -38.61 53.65
C PHE E 189 11.95 -39.56 53.35
N MET E 190 11.19 -39.26 52.30
CA MET E 190 9.89 -39.89 52.11
C MET E 190 10.02 -41.39 51.87
N VAL E 191 9.66 -42.17 52.89
CA VAL E 191 9.56 -43.62 52.78
C VAL E 191 8.31 -44.08 53.51
N ASP E 192 7.22 -44.29 52.77
CA ASP E 192 5.98 -44.77 53.39
C ASP E 192 5.58 -46.15 52.89
N ALA E 193 5.37 -46.31 51.57
CA ALA E 193 5.00 -47.61 51.02
C ALA E 193 5.73 -47.98 49.74
N ARG E 194 6.27 -47.02 48.98
CA ARG E 194 6.86 -47.32 47.68
C ARG E 194 8.32 -47.76 47.77
N ASN E 195 8.91 -47.76 48.96
CA ASN E 195 10.33 -48.07 49.15
C ASN E 195 11.19 -47.16 48.27
N ARG E 196 11.13 -45.87 48.60
CA ARG E 196 11.75 -44.84 47.77
C ARG E 196 12.74 -44.02 48.57
N SER E 197 13.64 -44.69 49.28
CA SER E 197 14.63 -44.02 50.11
C SER E 197 15.40 -42.98 49.32
N TYR E 198 15.19 -41.71 49.65
CA TYR E 198 15.75 -40.59 48.92
C TYR E 198 15.45 -39.31 49.71
N PRO E 199 16.26 -38.27 49.54
CA PRO E 199 15.96 -37.00 50.22
C PRO E 199 14.83 -36.25 49.52
N LEU E 200 13.71 -36.12 50.20
CA LEU E 200 12.58 -35.36 49.67
C LEU E 200 12.69 -33.90 50.10
N TYR E 201 12.61 -32.99 49.15
CA TYR E 201 12.67 -31.57 49.44
C TYR E 201 11.89 -30.78 48.38
N SER E 202 11.47 -29.58 48.77
CA SER E 202 10.76 -28.65 47.89
C SER E 202 11.43 -27.28 47.98
N CYS E 203 11.21 -26.48 46.94
CA CYS E 203 11.83 -25.15 46.85
C CYS E 203 11.51 -24.34 48.10
N TRP E 204 12.56 -23.97 48.83
CA TRP E 204 12.40 -23.45 50.18
C TRP E 204 11.93 -21.99 50.18
N GLU E 205 12.75 -21.09 49.63
CA GLU E 205 12.42 -19.67 49.63
C GLU E 205 13.33 -18.95 48.66
N ALA E 206 12.84 -17.83 48.12
CA ALA E 206 13.58 -17.04 47.15
C ALA E 206 14.49 -16.00 47.79
N TRP E 207 14.40 -15.79 49.11
CA TRP E 207 15.21 -14.75 49.74
C TRP E 207 15.49 -15.11 51.19
N PRO E 208 16.75 -15.24 51.59
CA PRO E 208 17.08 -15.56 52.98
C PRO E 208 17.29 -14.37 53.90
N GLU E 209 17.38 -13.15 53.35
CA GLU E 209 17.70 -11.96 54.15
C GLU E 209 16.43 -11.40 54.79
N LYS E 210 15.92 -12.16 55.76
CA LYS E 210 14.77 -11.75 56.57
C LYS E 210 13.56 -11.37 55.70
N GLY E 211 13.25 -10.09 55.63
CA GLY E 211 12.07 -9.59 54.96
C GLY E 211 12.18 -9.39 53.47
N MET E 212 13.31 -9.74 52.85
CA MET E 212 13.42 -9.60 51.40
C MET E 212 12.47 -10.52 50.65
N ARG E 213 12.05 -11.63 51.25
CA ARG E 213 10.96 -12.41 50.67
C ARG E 213 9.69 -11.58 50.56
N ARG E 214 9.34 -10.87 51.63
CA ARG E 214 8.23 -9.93 51.58
C ARG E 214 8.49 -8.81 50.59
N VAL E 215 9.75 -8.39 50.41
CA VAL E 215 10.06 -7.31 49.49
C VAL E 215 9.79 -7.73 48.05
N TYR E 216 10.28 -8.92 47.66
CA TYR E 216 10.06 -9.34 46.28
C TYR E 216 8.61 -9.74 46.06
N THR E 217 7.95 -10.29 47.07
CA THR E 217 6.50 -10.51 46.96
C THR E 217 5.77 -9.19 46.78
N THR E 218 6.23 -8.13 47.44
CA THR E 218 5.59 -6.82 47.31
C THR E 218 5.81 -6.23 45.93
N VAL E 219 7.02 -6.36 45.39
CA VAL E 219 7.27 -5.82 44.06
C VAL E 219 6.48 -6.60 43.00
N LEU E 220 6.36 -7.93 43.18
CA LEU E 220 5.48 -8.71 42.32
C LEU E 220 4.02 -8.30 42.47
N PHE E 221 3.55 -8.07 43.71
CA PHE E 221 2.21 -7.55 43.93
C PHE E 221 2.00 -6.27 43.15
N SER E 222 2.95 -5.34 43.26
CA SER E 222 2.87 -4.10 42.49
C SER E 222 2.69 -4.38 41.01
N HIS E 223 3.72 -5.00 40.40
CA HIS E 223 3.78 -5.18 38.96
C HIS E 223 2.72 -6.10 38.39
N ILE E 224 2.00 -6.84 39.23
CA ILE E 224 1.01 -7.77 38.70
C ILE E 224 -0.41 -7.32 39.03
N TYR E 225 -0.61 -6.61 40.13
CA TYR E 225 -1.95 -6.39 40.63
C TYR E 225 -2.29 -4.96 41.03
N LEU E 226 -1.38 -4.00 40.95
CA LEU E 226 -1.86 -2.64 41.15
C LEU E 226 -1.63 -1.75 39.94
N ALA E 227 -0.43 -1.73 39.38
CA ALA E 227 -0.24 -1.00 38.11
C ALA E 227 -1.08 -1.59 36.98
N PRO E 228 -1.04 -2.90 36.71
CA PRO E 228 -1.94 -3.44 35.67
C PRO E 228 -3.41 -3.23 35.99
N LEU E 229 -3.80 -3.42 37.26
CA LEU E 229 -5.20 -3.25 37.62
C LEU E 229 -5.66 -1.82 37.36
N ALA E 230 -4.88 -0.85 37.83
CA ALA E 230 -5.24 0.56 37.65
C ALA E 230 -5.29 0.92 36.17
N LEU E 231 -4.28 0.49 35.40
CA LEU E 231 -4.26 0.79 33.97
C LEU E 231 -5.51 0.23 33.29
N ILE E 232 -5.81 -1.05 33.56
CA ILE E 232 -6.95 -1.70 32.92
C ILE E 232 -8.24 -0.99 33.28
N VAL E 233 -8.44 -0.69 34.57
CA VAL E 233 -9.72 -0.13 34.97
C VAL E 233 -9.89 1.29 34.43
N VAL E 234 -8.82 2.10 34.45
CA VAL E 234 -8.97 3.47 33.96
C VAL E 234 -9.22 3.48 32.45
N MET E 235 -8.46 2.69 31.69
CA MET E 235 -8.64 2.71 30.24
C MET E 235 -9.99 2.09 29.87
N TYR E 236 -10.45 1.12 30.63
CA TYR E 236 -11.73 0.47 30.34
C TYR E 236 -12.89 1.40 30.65
N ALA E 237 -12.79 2.17 31.73
CA ALA E 237 -13.78 3.18 32.03
C ALA E 237 -13.80 4.27 30.98
N ARG E 238 -12.62 4.68 30.50
CA ARG E 238 -12.57 5.66 29.42
C ARG E 238 -13.23 5.12 28.16
N ILE E 239 -12.96 3.86 27.82
CA ILE E 239 -13.58 3.25 26.65
C ILE E 239 -15.10 3.24 26.80
N ALA E 240 -15.57 2.85 27.98
CA ALA E 240 -17.02 2.83 28.23
C ALA E 240 -17.63 4.23 28.11
N ARG E 241 -16.93 5.24 28.61
CA ARG E 241 -17.44 6.61 28.54
C ARG E 241 -17.52 7.10 27.11
N LYS E 242 -16.44 6.94 26.34
CA LYS E 242 -16.48 7.41 24.95
C LYS E 242 -17.32 6.52 24.05
N LEU E 243 -17.73 5.35 24.52
CA LEU E 243 -18.70 4.53 23.80
C LEU E 243 -20.11 4.99 24.15
N CYS E 244 -21.10 4.17 23.83
CA CYS E 244 -22.48 4.51 24.13
C CYS E 244 -22.68 4.70 25.63
N GLN E 245 -23.50 5.67 25.99
CA GLN E 245 -23.72 6.00 27.40
C GLN E 245 -24.80 5.11 28.00
N ARG E 264 -27.47 -3.37 18.85
CA ARG E 264 -26.98 -3.41 20.22
C ARG E 264 -25.51 -2.99 20.28
N ARG E 265 -25.20 -2.02 21.13
CA ARG E 265 -23.84 -1.54 21.27
C ARG E 265 -23.39 -1.34 22.71
N ALA E 266 -24.20 -1.70 23.70
CA ALA E 266 -23.75 -1.70 25.08
C ALA E 266 -23.10 -3.03 25.48
N ARG E 267 -23.14 -4.03 24.60
CA ARG E 267 -22.54 -5.32 24.90
C ARG E 267 -21.04 -5.18 25.11
N VAL E 268 -20.38 -4.27 24.39
CA VAL E 268 -18.95 -4.08 24.59
C VAL E 268 -18.67 -3.60 26.00
N VAL E 269 -19.43 -2.61 26.48
CA VAL E 269 -19.22 -2.09 27.83
C VAL E 269 -19.50 -3.17 28.87
N HIS E 270 -20.61 -3.91 28.68
CA HIS E 270 -20.97 -4.94 29.63
C HIS E 270 -19.90 -6.03 29.70
N MET E 271 -19.41 -6.48 28.54
CA MET E 271 -18.41 -7.54 28.52
C MET E 271 -17.06 -7.05 29.03
N LEU E 272 -16.72 -5.79 28.77
CA LEU E 272 -15.47 -5.25 29.30
C LEU E 272 -15.51 -5.18 30.82
N VAL E 273 -16.63 -4.72 31.39
CA VAL E 273 -16.76 -4.71 32.84
C VAL E 273 -16.72 -6.13 33.38
N MET E 274 -17.37 -7.07 32.70
CA MET E 274 -17.37 -8.46 33.14
C MET E 274 -15.97 -9.05 33.15
N VAL E 275 -15.19 -8.79 32.09
CA VAL E 275 -13.84 -9.36 32.01
C VAL E 275 -12.92 -8.73 33.04
N ALA E 276 -13.09 -7.42 33.28
CA ALA E 276 -12.29 -6.77 34.33
C ALA E 276 -12.60 -7.37 35.70
N LEU E 277 -13.89 -7.54 36.00
CA LEU E 277 -14.27 -8.12 37.28
C LEU E 277 -13.77 -9.55 37.41
N PHE E 278 -13.87 -10.34 36.33
CA PHE E 278 -13.41 -11.72 36.36
C PHE E 278 -11.90 -11.78 36.59
N PHE E 279 -11.13 -10.94 35.89
CA PHE E 279 -9.68 -10.95 36.08
C PHE E 279 -9.30 -10.52 37.49
N THR E 280 -10.04 -9.57 38.06
CA THR E 280 -9.79 -9.20 39.45
C THR E 280 -10.08 -10.35 40.40
N LEU E 281 -11.27 -10.95 40.27
CA LEU E 281 -11.74 -11.91 41.26
C LEU E 281 -11.01 -13.24 41.15
N SER E 282 -10.51 -13.60 39.97
CA SER E 282 -9.83 -14.87 39.83
C SER E 282 -8.43 -14.84 40.42
N TRP E 283 -7.75 -13.70 40.34
CA TRP E 283 -6.42 -13.56 40.89
C TRP E 283 -6.41 -12.98 42.31
N LEU E 284 -7.55 -12.54 42.81
CA LEU E 284 -7.63 -12.17 44.23
C LEU E 284 -7.29 -13.32 45.18
N PRO E 285 -7.83 -14.54 45.03
CA PRO E 285 -7.60 -15.56 46.07
C PRO E 285 -6.12 -15.91 46.27
N LEU E 286 -5.37 -16.09 45.18
CA LEU E 286 -3.97 -16.50 45.31
C LEU E 286 -3.19 -15.50 46.17
N TRP E 287 -3.25 -14.23 45.78
CA TRP E 287 -2.32 -13.29 46.38
C TRP E 287 -2.88 -12.75 47.69
N ALA E 288 -4.19 -12.83 47.89
CA ALA E 288 -4.74 -12.65 49.23
C ALA E 288 -4.24 -13.74 50.18
N LEU E 289 -4.20 -14.99 49.69
CA LEU E 289 -3.67 -16.08 50.52
C LEU E 289 -2.20 -15.86 50.83
N LEU E 290 -1.41 -15.47 49.83
CA LEU E 290 0.01 -15.20 50.10
C LEU E 290 0.19 -14.04 51.07
N LEU E 291 -0.60 -12.96 50.92
CA LEU E 291 -0.49 -11.83 51.82
C LEU E 291 -0.84 -12.23 53.25
N LEU E 292 -1.91 -13.02 53.42
CA LEU E 292 -2.31 -13.43 54.76
C LEU E 292 -1.29 -14.40 55.38
N ILE E 293 -0.73 -15.30 54.57
CA ILE E 293 0.24 -16.26 55.08
C ILE E 293 1.59 -15.59 55.36
N ASP E 294 1.87 -14.46 54.73
CA ASP E 294 3.13 -13.76 54.98
C ASP E 294 3.02 -12.76 56.13
N TYR E 295 1.85 -12.14 56.30
CA TYR E 295 1.63 -11.17 57.37
C TYR E 295 0.66 -11.78 58.38
N GLY E 296 1.22 -12.39 59.43
CA GLY E 296 0.41 -12.98 60.48
C GLY E 296 0.20 -14.46 60.31
N GLN E 297 0.77 -15.25 61.23
CA GLN E 297 0.63 -16.70 61.20
C GLN E 297 -0.70 -17.11 61.84
N LEU E 298 -1.38 -18.06 61.18
CA LEU E 298 -2.69 -18.49 61.67
C LEU E 298 -2.56 -19.19 63.02
N SER E 299 -1.52 -20.00 63.20
CA SER E 299 -1.23 -20.69 64.47
C SER E 299 -2.39 -21.57 64.91
N ALA E 300 -2.66 -22.60 64.09
CA ALA E 300 -3.75 -23.54 64.35
C ALA E 300 -3.59 -24.77 63.46
N PRO E 301 -4.39 -25.84 63.67
CA PRO E 301 -4.42 -26.92 62.67
C PRO E 301 -4.95 -26.41 61.33
N GLN E 302 -5.60 -25.25 61.37
CA GLN E 302 -5.97 -24.56 60.13
C GLN E 302 -4.74 -24.28 59.29
N LEU E 303 -3.60 -23.99 59.94
CA LEU E 303 -2.36 -23.75 59.20
C LEU E 303 -1.99 -24.91 58.29
N HIS E 304 -2.57 -26.09 58.52
CA HIS E 304 -2.44 -27.21 57.60
C HIS E 304 -3.70 -27.36 56.73
N LEU E 305 -4.87 -27.20 57.35
CA LEU E 305 -6.13 -27.46 56.66
C LEU E 305 -6.35 -26.51 55.49
N VAL E 306 -6.14 -25.21 55.70
CA VAL E 306 -6.37 -24.26 54.62
C VAL E 306 -5.34 -24.48 53.51
N THR E 307 -4.10 -24.80 53.89
CA THR E 307 -3.07 -25.06 52.89
C THR E 307 -3.41 -26.26 52.03
N VAL E 308 -3.98 -27.32 52.62
CA VAL E 308 -4.28 -28.51 51.80
C VAL E 308 -5.56 -28.30 51.01
N TYR E 309 -6.51 -27.52 51.53
CA TYR E 309 -7.82 -27.37 50.89
C TYR E 309 -7.91 -26.16 49.98
N ALA E 310 -7.76 -24.95 50.52
CA ALA E 310 -8.06 -23.76 49.73
C ALA E 310 -6.99 -23.48 48.68
N PHE E 311 -5.73 -23.81 48.97
CA PHE E 311 -4.67 -23.51 48.01
C PHE E 311 -4.88 -24.21 46.67
N PRO E 312 -5.22 -25.50 46.61
CA PRO E 312 -5.62 -26.06 45.31
C PRO E 312 -6.92 -25.46 44.77
N PHE E 313 -7.88 -25.11 45.63
CA PHE E 313 -9.07 -24.41 45.14
C PHE E 313 -8.70 -23.07 44.55
N ALA E 314 -7.84 -22.31 45.23
CA ALA E 314 -7.41 -21.02 44.70
C ALA E 314 -6.67 -21.19 43.39
N HIS E 315 -5.78 -22.19 43.31
CA HIS E 315 -5.08 -22.48 42.07
C HIS E 315 -6.05 -22.82 40.96
N TRP E 316 -7.14 -23.52 41.29
CA TRP E 316 -8.20 -23.80 40.34
C TRP E 316 -8.85 -22.53 39.83
N LEU E 317 -9.20 -21.61 40.74
CA LEU E 317 -9.79 -20.35 40.31
C LEU E 317 -8.84 -19.56 39.42
N ALA E 318 -7.54 -19.55 39.77
CA ALA E 318 -6.57 -18.82 38.96
C ALA E 318 -6.39 -19.46 37.59
N PHE E 319 -6.23 -20.79 37.55
CA PHE E 319 -6.07 -21.50 36.30
C PHE E 319 -7.33 -21.48 35.45
N PHE E 320 -8.48 -21.13 36.02
CA PHE E 320 -9.64 -20.87 35.20
C PHE E 320 -9.40 -19.73 34.21
N ASN E 321 -8.44 -18.84 34.48
CA ASN E 321 -8.07 -17.84 33.49
C ASN E 321 -7.54 -18.51 32.23
N SER E 322 -6.71 -19.55 32.38
CA SER E 322 -6.12 -20.22 31.23
C SER E 322 -7.18 -20.80 30.30
N SER E 323 -8.33 -21.19 30.85
CA SER E 323 -9.39 -21.76 30.01
C SER E 323 -10.45 -20.74 29.63
N ALA E 324 -10.60 -19.66 30.39
CA ALA E 324 -11.62 -18.66 30.11
C ALA E 324 -11.14 -17.59 29.15
N ASN E 325 -9.84 -17.27 29.15
CA ASN E 325 -9.32 -16.34 28.16
C ASN E 325 -9.56 -16.80 26.73
N PRO E 326 -9.36 -18.07 26.37
CA PRO E 326 -9.74 -18.50 25.01
C PRO E 326 -11.23 -18.30 24.71
N ILE E 327 -12.12 -18.57 25.67
CA ILE E 327 -13.54 -18.42 25.38
C ILE E 327 -13.95 -16.95 25.34
N ILE E 328 -13.27 -16.10 26.10
CA ILE E 328 -13.63 -14.68 26.11
C ILE E 328 -13.07 -13.98 24.89
N TYR E 329 -11.83 -14.29 24.50
CA TYR E 329 -11.15 -13.56 23.45
C TYR E 329 -11.29 -14.20 22.08
N GLY E 330 -11.24 -15.52 21.98
CA GLY E 330 -11.26 -16.21 20.71
C GLY E 330 -12.63 -16.52 20.14
N TYR E 331 -13.67 -16.54 20.99
CA TYR E 331 -15.00 -16.88 20.52
C TYR E 331 -15.89 -15.67 20.34
N PHE E 332 -15.89 -14.73 21.29
CA PHE E 332 -16.84 -13.64 21.31
C PHE E 332 -16.46 -12.47 20.41
N ASN E 333 -15.32 -12.53 19.74
CA ASN E 333 -14.91 -11.40 18.91
C ASN E 333 -15.64 -11.37 17.57
N GLU E 334 -16.24 -12.49 17.18
CA GLU E 334 -17.10 -12.61 15.99
C GLU E 334 -16.32 -12.46 14.69
N ASN E 335 -15.01 -12.23 14.77
CA ASN E 335 -14.17 -12.30 13.58
C ASN E 335 -13.37 -13.60 13.51
N PHE E 336 -13.06 -14.20 14.65
CA PHE E 336 -12.56 -15.57 14.66
C PHE E 336 -13.68 -16.57 14.43
N ARG E 337 -14.90 -16.24 14.89
CA ARG E 337 -16.04 -17.13 14.72
C ARG E 337 -16.45 -17.26 13.26
N ARG E 338 -16.08 -16.30 12.41
CA ARG E 338 -16.42 -16.37 11.01
C ARG E 338 -15.67 -17.47 10.27
N GLY E 339 -14.57 -17.94 10.84
CA GLY E 339 -13.78 -19.00 10.21
C GLY E 339 -12.59 -19.43 11.04
N VAL F 1 12.65 30.37 -12.29
CA VAL F 1 13.83 30.18 -11.46
C VAL F 1 14.68 31.44 -11.41
N GLN F 2 14.99 31.89 -10.19
CA GLN F 2 15.81 33.07 -9.99
C GLN F 2 16.30 33.08 -8.56
N LEU F 3 17.62 33.19 -8.39
CA LEU F 3 18.24 33.26 -7.07
C LEU F 3 18.97 34.58 -6.95
N VAL F 4 18.59 35.37 -5.96
CA VAL F 4 19.24 36.66 -5.69
C VAL F 4 19.75 36.62 -4.26
N GLU F 5 20.85 37.33 -4.03
CA GLU F 5 21.53 37.30 -2.74
C GLU F 5 21.76 38.73 -2.24
N SER F 6 21.87 38.86 -0.93
CA SER F 6 22.09 40.15 -0.30
C SER F 6 22.84 39.94 1.01
N GLY F 7 23.47 41.01 1.48
CA GLY F 7 24.18 40.99 2.76
C GLY F 7 25.68 41.21 2.66
N GLY F 8 26.26 41.39 1.47
CA GLY F 8 27.68 41.60 1.38
C GLY F 8 28.09 43.02 1.71
N GLY F 9 29.39 43.24 1.79
CA GLY F 9 29.93 44.54 2.08
C GLY F 9 31.27 44.44 2.77
N LEU F 10 31.64 45.50 3.48
CA LEU F 10 32.90 45.59 4.20
C LEU F 10 32.67 45.20 5.66
N VAL F 11 33.54 44.36 6.19
CA VAL F 11 33.43 43.85 7.55
C VAL F 11 34.77 43.96 8.24
N GLN F 12 34.80 44.56 9.42
CA GLN F 12 36.01 44.56 10.23
C GLN F 12 36.25 43.15 10.76
N PRO F 13 37.50 42.68 10.77
CA PRO F 13 37.78 41.30 11.19
C PRO F 13 37.26 41.02 12.59
N GLY F 14 36.73 39.82 12.78
CA GLY F 14 36.08 39.46 14.02
C GLY F 14 34.60 39.75 14.08
N GLY F 15 34.02 40.36 13.04
CA GLY F 15 32.62 40.70 13.01
C GLY F 15 31.76 39.54 12.54
N SER F 16 30.49 39.85 12.29
CA SER F 16 29.52 38.84 11.89
C SER F 16 28.61 39.42 10.81
N ARG F 17 28.15 38.55 9.91
CA ARG F 17 27.21 38.93 8.87
C ARG F 17 26.36 37.74 8.48
N LYS F 18 25.16 38.05 8.00
CA LYS F 18 24.16 37.07 7.57
C LYS F 18 23.83 37.32 6.10
N LEU F 19 24.45 36.55 5.22
CA LEU F 19 24.03 36.58 3.82
C LEU F 19 22.70 35.86 3.67
N SER F 20 21.84 36.42 2.83
CA SER F 20 20.52 35.85 2.58
C SER F 20 20.30 35.68 1.10
N CYS F 21 19.65 34.58 0.75
CA CYS F 21 19.24 34.28 -0.61
C CYS F 21 17.71 34.19 -0.66
N SER F 22 17.13 34.90 -1.61
CA SER F 22 15.69 34.98 -1.79
C SER F 22 15.33 34.28 -3.10
N ALA F 23 15.09 32.97 -3.00
CA ALA F 23 14.73 32.19 -4.17
C ALA F 23 13.34 32.58 -4.68
N SER F 24 13.15 32.42 -5.98
CA SER F 24 11.84 32.68 -6.58
C SER F 24 11.70 31.88 -7.86
N GLY F 25 10.45 31.60 -8.23
CA GLY F 25 10.17 30.95 -9.49
C GLY F 25 10.33 29.45 -9.50
N PHE F 26 10.56 28.82 -8.36
CA PHE F 26 10.68 27.36 -8.32
C PHE F 26 10.35 26.88 -6.92
N ALA F 27 10.20 25.56 -6.80
CA ALA F 27 9.89 24.94 -5.51
C ALA F 27 11.12 24.92 -4.62
N PHE F 28 11.30 25.97 -3.83
CA PHE F 28 12.49 26.09 -2.99
C PHE F 28 12.53 25.00 -1.92
N SER F 29 11.40 24.71 -1.29
CA SER F 29 11.38 23.80 -0.15
C SER F 29 11.80 22.38 -0.50
N SER F 30 11.81 22.02 -1.79
CA SER F 30 12.22 20.70 -2.22
C SER F 30 13.64 20.69 -2.78
N PHE F 31 14.40 21.76 -2.61
CA PHE F 31 15.75 21.87 -3.15
C PHE F 31 16.76 21.92 -2.02
N GLY F 32 17.82 21.13 -2.15
CA GLY F 32 18.96 21.28 -1.26
C GLY F 32 19.82 22.44 -1.73
N MET F 33 20.15 23.34 -0.81
CA MET F 33 20.77 24.60 -1.16
C MET F 33 22.18 24.64 -0.59
N HIS F 34 23.15 24.97 -1.44
CA HIS F 34 24.56 24.99 -1.09
C HIS F 34 25.04 26.42 -0.86
N TRP F 35 26.33 26.56 -0.65
CA TRP F 35 27.01 27.85 -0.63
C TRP F 35 28.39 27.65 -1.18
N VAL F 36 28.80 28.48 -2.14
CA VAL F 36 30.13 28.41 -2.72
C VAL F 36 30.78 29.78 -2.58
N ARG F 37 32.10 29.80 -2.49
CA ARG F 37 32.84 31.05 -2.44
C ARG F 37 33.93 31.04 -3.51
N GLN F 38 34.33 32.24 -3.91
CA GLN F 38 35.37 32.40 -4.93
C GLN F 38 36.25 33.58 -4.50
N ALA F 39 37.46 33.28 -4.06
CA ALA F 39 38.40 34.33 -3.72
C ALA F 39 38.76 35.12 -4.98
N PRO F 40 39.06 36.41 -4.85
CA PRO F 40 39.35 37.23 -6.04
C PRO F 40 40.49 36.64 -6.85
N GLU F 41 40.24 36.47 -8.15
CA GLU F 41 41.21 35.87 -9.08
C GLU F 41 41.67 34.49 -8.61
N LYS F 42 40.73 33.71 -8.07
CA LYS F 42 41.03 32.37 -7.56
C LYS F 42 39.89 31.44 -7.93
N GLY F 43 40.05 30.15 -7.57
CA GLY F 43 39.05 29.15 -7.89
C GLY F 43 37.94 29.07 -6.87
N LEU F 44 36.95 28.24 -7.18
CA LEU F 44 35.80 28.08 -6.31
C LEU F 44 36.14 27.23 -5.09
N GLU F 45 35.25 27.25 -4.11
CA GLU F 45 35.44 26.51 -2.87
C GLU F 45 34.08 26.32 -2.20
N TRP F 46 33.68 25.07 -2.02
CA TRP F 46 32.42 24.79 -1.33
C TRP F 46 32.53 25.22 0.14
N VAL F 47 31.46 25.82 0.66
CA VAL F 47 31.45 26.42 1.99
C VAL F 47 30.52 25.68 2.94
N ALA F 48 29.28 25.45 2.51
CA ALA F 48 28.30 24.81 3.38
C ALA F 48 27.28 24.08 2.52
N TYR F 49 26.35 23.38 3.17
CA TYR F 49 25.30 22.64 2.49
C TYR F 49 24.18 22.36 3.48
N ILE F 50 22.95 22.53 3.02
CA ILE F 50 21.77 22.16 3.79
C ILE F 50 20.82 21.40 2.86
N SER F 51 20.24 20.32 3.37
CA SER F 51 19.37 19.47 2.58
C SER F 51 17.92 19.96 2.67
N SER F 52 17.09 19.40 1.79
CA SER F 52 15.66 19.70 1.83
C SER F 52 15.07 19.24 3.16
N GLY F 53 14.30 20.12 3.80
CA GLY F 53 13.78 19.83 5.12
C GLY F 53 14.78 19.99 6.24
N SER F 54 15.96 20.57 5.96
CA SER F 54 16.98 20.81 6.97
C SER F 54 17.40 19.52 7.68
N GLY F 55 17.47 18.43 6.92
CA GLY F 55 17.85 17.15 7.49
C GLY F 55 19.32 17.04 7.81
N THR F 56 20.17 17.10 6.79
CA THR F 56 21.61 17.00 6.97
C THR F 56 22.26 18.34 6.63
N ILE F 57 23.09 18.83 7.54
CA ILE F 57 23.81 20.09 7.37
C ILE F 57 25.30 19.78 7.37
N TYR F 58 25.99 20.19 6.32
CA TYR F 58 27.42 19.92 6.16
C TYR F 58 28.17 21.23 6.03
N TYR F 59 29.39 21.26 6.55
CA TYR F 59 30.23 22.45 6.54
C TYR F 59 31.63 22.11 6.05
N ALA F 60 32.26 23.08 5.41
CA ALA F 60 33.66 22.93 5.04
C ALA F 60 34.54 22.95 6.29
N ASP F 61 35.72 22.35 6.16
CA ASP F 61 36.62 22.25 7.31
C ASP F 61 37.10 23.62 7.76
N THR F 62 37.40 24.52 6.82
CA THR F 62 37.94 25.83 7.16
C THR F 62 36.90 26.76 7.77
N VAL F 63 35.62 26.45 7.68
CA VAL F 63 34.56 27.30 8.19
C VAL F 63 33.68 26.61 9.22
N LYS F 64 33.96 25.35 9.55
CA LYS F 64 33.14 24.61 10.49
C LYS F 64 33.16 25.29 11.86
N GLY F 65 31.99 25.46 12.45
CA GLY F 65 31.83 26.11 13.74
C GLY F 65 31.57 27.60 13.65
N ARG F 66 32.28 28.29 12.76
CA ARG F 66 32.05 29.72 12.58
C ARG F 66 30.80 30.00 11.77
N PHE F 67 30.49 29.14 10.80
CA PHE F 67 29.40 29.36 9.85
C PHE F 67 28.20 28.54 10.26
N THR F 68 27.03 29.18 10.30
CA THR F 68 25.77 28.52 10.61
C THR F 68 24.81 28.72 9.45
N ILE F 69 24.42 27.63 8.81
CA ILE F 69 23.50 27.69 7.68
C ILE F 69 22.09 27.38 8.16
N SER F 70 21.10 28.04 7.57
CA SER F 70 19.72 27.81 7.94
C SER F 70 18.84 28.27 6.78
N ARG F 71 17.57 27.89 6.83
CA ARG F 71 16.63 28.26 5.79
C ARG F 71 15.24 28.46 6.38
N ASP F 72 14.53 29.44 5.83
CA ASP F 72 13.12 29.67 6.10
C ASP F 72 12.37 29.26 4.84
N ASP F 73 11.89 28.02 4.84
CA ASP F 73 11.13 27.50 3.71
C ASP F 73 9.84 28.27 3.44
N PRO F 74 9.01 28.62 4.44
CA PRO F 74 7.78 29.37 4.11
C PRO F 74 8.03 30.69 3.41
N LYS F 75 9.13 31.38 3.72
CA LYS F 75 9.47 32.63 3.06
C LYS F 75 10.48 32.45 1.94
N ASN F 76 10.86 31.21 1.62
CA ASN F 76 11.78 30.92 0.51
C ASN F 76 13.09 31.68 0.65
N THR F 77 13.69 31.62 1.84
CA THR F 77 14.94 32.31 2.09
C THR F 77 15.96 31.35 2.67
N LEU F 78 17.23 31.62 2.40
CA LEU F 78 18.33 30.81 2.92
C LEU F 78 19.40 31.73 3.49
N PHE F 79 19.71 31.56 4.78
CA PHE F 79 20.64 32.41 5.49
C PHE F 79 21.92 31.66 5.82
N LEU F 80 23.03 32.40 5.81
CA LEU F 80 24.32 31.84 6.22
C LEU F 80 24.97 32.86 7.16
N GLN F 81 24.81 32.63 8.46
CA GLN F 81 25.45 33.45 9.48
C GLN F 81 26.94 33.09 9.55
N MET F 82 27.79 34.10 9.74
CA MET F 82 29.20 33.89 9.96
C MET F 82 29.63 34.54 11.26
N THR F 83 30.56 33.90 11.96
CA THR F 83 31.08 34.40 13.22
C THR F 83 32.60 34.44 13.15
N SER F 84 33.18 35.52 13.68
CA SER F 84 34.63 35.72 13.70
C SER F 84 35.22 35.65 12.29
N LEU F 85 34.83 36.63 11.47
CA LEU F 85 35.30 36.69 10.09
C LEU F 85 36.80 36.95 10.05
N ARG F 86 37.50 36.18 9.22
CA ARG F 86 38.94 36.31 9.02
C ARG F 86 39.22 36.86 7.64
N SER F 87 40.46 37.33 7.44
CA SER F 87 40.85 37.92 6.17
C SER F 87 40.86 36.91 5.03
N GLU F 88 40.79 35.62 5.33
CA GLU F 88 40.68 34.59 4.31
C GLU F 88 39.24 34.37 3.85
N ASP F 89 38.29 35.08 4.43
CA ASP F 89 36.87 34.93 4.08
C ASP F 89 36.42 35.92 3.02
N THR F 90 37.32 36.77 2.51
CA THR F 90 36.96 37.74 1.48
C THR F 90 36.80 37.01 0.15
N ALA F 91 35.55 36.79 -0.26
CA ALA F 91 35.29 36.08 -1.50
C ALA F 91 33.89 36.40 -1.98
N MET F 92 33.67 36.17 -3.28
CA MET F 92 32.34 36.27 -3.86
C MET F 92 31.55 35.02 -3.45
N TYR F 93 30.39 35.22 -2.83
CA TYR F 93 29.59 34.11 -2.34
C TYR F 93 28.42 33.87 -3.30
N TYR F 94 28.34 32.66 -3.84
CA TYR F 94 27.26 32.23 -4.69
C TYR F 94 26.38 31.23 -3.96
N CYS F 95 25.09 31.27 -4.27
CA CYS F 95 24.12 30.32 -3.72
C CYS F 95 23.64 29.41 -4.84
N VAL F 96 23.67 28.11 -4.60
CA VAL F 96 23.44 27.11 -5.63
C VAL F 96 22.29 26.22 -5.21
N ARG F 97 21.36 25.97 -6.13
CA ARG F 97 20.29 25.01 -5.89
C ARG F 97 20.71 23.64 -6.42
N SER F 98 20.16 22.59 -5.80
CA SER F 98 20.48 21.24 -6.22
C SER F 98 19.47 20.26 -5.64
N ILE F 99 18.78 19.53 -6.51
CA ILE F 99 17.94 18.42 -6.11
C ILE F 99 18.68 17.12 -6.35
N TYR F 100 18.29 16.09 -5.60
CA TYR F 100 18.93 14.79 -5.67
C TYR F 100 17.87 13.70 -5.81
N TYR F 101 17.75 13.14 -7.01
CA TYR F 101 17.05 11.87 -7.21
C TYR F 101 17.64 11.23 -8.46
N TYR F 102 17.12 10.06 -8.82
CA TYR F 102 17.64 9.33 -9.97
C TYR F 102 17.43 10.12 -11.24
N GLY F 103 18.53 10.49 -11.90
CA GLY F 103 18.46 11.29 -13.11
C GLY F 103 18.39 12.78 -12.89
N SER F 104 18.53 13.24 -11.65
CA SER F 104 18.48 14.66 -11.36
C SER F 104 19.78 15.34 -11.81
N SER F 105 19.75 16.67 -11.82
CA SER F 105 20.89 17.48 -12.24
C SER F 105 21.21 18.47 -11.13
N PRO F 106 21.90 18.02 -10.09
CA PRO F 106 22.26 18.94 -8.99
C PRO F 106 23.21 20.01 -9.46
N PHE F 107 23.17 21.16 -8.77
CA PHE F 107 24.00 22.32 -9.07
C PHE F 107 23.64 22.94 -10.42
N ASP F 108 22.39 22.80 -10.85
CA ASP F 108 21.99 23.32 -12.15
C ASP F 108 21.95 24.84 -12.16
N PHE F 109 21.52 25.47 -11.07
CA PHE F 109 21.32 26.91 -11.04
C PHE F 109 22.14 27.53 -9.93
N TRP F 110 22.86 28.60 -10.27
CA TRP F 110 23.69 29.36 -9.35
C TRP F 110 23.20 30.79 -9.29
N GLY F 111 23.19 31.36 -8.09
CA GLY F 111 22.86 32.75 -7.94
C GLY F 111 23.99 33.65 -8.41
N GLN F 112 23.70 34.95 -8.46
CA GLN F 112 24.70 35.91 -8.90
C GLN F 112 25.75 36.19 -7.83
N GLY F 113 25.43 35.94 -6.57
CA GLY F 113 26.40 36.07 -5.49
C GLY F 113 26.56 37.51 -5.03
N THR F 114 27.17 37.64 -3.84
CA THR F 114 27.49 38.94 -3.27
C THR F 114 28.96 38.98 -2.88
N THR F 115 29.52 40.19 -2.92
CA THR F 115 30.93 40.39 -2.60
C THR F 115 31.07 40.68 -1.10
N LEU F 116 32.01 39.99 -0.46
CA LEU F 116 32.34 40.20 0.94
C LEU F 116 33.81 40.57 1.05
N THR F 117 34.09 41.65 1.77
CA THR F 117 35.47 42.12 1.97
C THR F 117 35.71 42.30 3.46
N VAL F 118 36.81 41.72 3.95
CA VAL F 118 37.20 41.82 5.35
C VAL F 118 38.52 42.57 5.43
N SER F 119 38.55 43.62 6.24
CA SER F 119 39.74 44.45 6.39
C SER F 119 40.88 43.67 7.06
N SER F 135 44.61 16.77 5.66
CA SER F 135 43.92 15.53 5.37
C SER F 135 42.98 15.67 4.19
N ALA F 136 41.68 15.77 4.48
CA ALA F 136 40.63 15.87 3.47
C ALA F 136 40.72 14.73 2.47
N ASP F 137 40.13 14.92 1.29
CA ASP F 137 40.19 13.91 0.25
C ASP F 137 39.84 14.56 -1.08
N ILE F 138 40.15 13.84 -2.16
CA ILE F 138 39.86 14.23 -3.52
C ILE F 138 40.44 15.61 -3.82
N VAL F 139 41.76 15.70 -3.91
CA VAL F 139 42.39 16.91 -4.39
C VAL F 139 42.35 16.91 -5.91
N MET F 140 41.59 17.82 -6.49
CA MET F 140 41.40 17.89 -7.93
C MET F 140 42.39 18.89 -8.53
N THR F 141 43.21 18.42 -9.46
CA THR F 141 44.23 19.23 -10.09
C THR F 141 43.97 19.30 -11.59
N GLN F 142 43.97 20.51 -12.14
CA GLN F 142 43.88 20.73 -13.58
C GLN F 142 45.21 21.32 -14.03
N ALA F 143 46.01 20.52 -14.74
CA ALA F 143 47.38 20.91 -15.04
C ALA F 143 47.44 22.20 -15.84
N THR F 144 46.68 22.30 -16.92
CA THR F 144 46.66 23.52 -17.69
C THR F 144 45.86 24.61 -16.96
N SER F 145 46.27 25.86 -17.14
CA SER F 145 45.62 26.98 -16.47
C SER F 145 45.09 28.03 -17.45
N SER F 146 45.84 28.34 -18.50
CA SER F 146 45.40 29.33 -19.49
C SER F 146 45.66 28.75 -20.87
N VAL F 147 44.61 28.62 -21.66
CA VAL F 147 44.68 28.05 -23.00
C VAL F 147 44.20 29.10 -24.00
N PRO F 148 44.98 29.42 -25.03
CA PRO F 148 44.48 30.30 -26.09
C PRO F 148 43.71 29.51 -27.13
N VAL F 149 42.57 30.07 -27.54
CA VAL F 149 41.63 29.38 -28.43
C VAL F 149 41.29 30.27 -29.61
N THR F 150 40.76 29.64 -30.65
CA THR F 150 40.28 30.32 -31.83
C THR F 150 38.90 29.80 -32.18
N PRO F 151 37.98 30.68 -32.60
CA PRO F 151 36.62 30.23 -32.92
C PRO F 151 36.63 29.23 -34.07
N GLY F 152 35.72 28.25 -33.98
CA GLY F 152 35.59 27.22 -34.98
C GLY F 152 36.44 25.99 -34.77
N GLU F 153 37.33 26.00 -33.78
CA GLU F 153 38.21 24.87 -33.52
C GLU F 153 37.66 24.01 -32.38
N SER F 154 38.28 22.84 -32.21
CA SER F 154 37.91 21.89 -31.16
C SER F 154 39.00 21.89 -30.10
N VAL F 155 38.58 21.92 -28.83
CA VAL F 155 39.50 21.99 -27.70
C VAL F 155 39.16 20.90 -26.70
N SER F 156 40.14 20.57 -25.85
CA SER F 156 39.99 19.57 -24.82
C SER F 156 40.58 20.08 -23.52
N ILE F 157 39.88 19.82 -22.42
CA ILE F 157 40.29 20.24 -21.08
C ILE F 157 40.41 19.01 -20.22
N SER F 158 41.51 18.90 -19.46
CA SER F 158 41.78 17.71 -18.67
C SER F 158 41.85 18.06 -17.20
N CYS F 159 41.32 17.16 -16.37
CA CYS F 159 41.37 17.32 -14.92
C CYS F 159 41.65 15.96 -14.31
N ARG F 160 42.16 15.97 -13.07
CA ARG F 160 42.59 14.76 -12.39
C ARG F 160 42.05 14.74 -10.98
N SER F 161 41.90 13.53 -10.43
CA SER F 161 41.38 13.32 -9.08
C SER F 161 42.32 12.43 -8.30
N SER F 162 42.32 12.61 -6.98
CA SER F 162 43.21 11.84 -6.11
C SER F 162 42.79 10.39 -5.95
N LYS F 163 41.50 10.10 -5.98
CA LYS F 163 41.02 8.73 -5.91
C LYS F 163 39.89 8.55 -6.93
N SER F 164 39.68 7.29 -7.33
CA SER F 164 38.68 6.98 -8.35
C SER F 164 37.32 7.51 -7.95
N LEU F 165 36.65 8.17 -8.89
CA LEU F 165 35.33 8.74 -8.67
C LEU F 165 34.21 7.82 -9.11
N LEU F 166 34.51 6.61 -9.57
CA LEU F 166 33.49 5.67 -10.03
C LEU F 166 32.98 4.89 -8.83
N HIS F 167 31.79 5.25 -8.35
CA HIS F 167 31.22 4.59 -7.20
C HIS F 167 30.74 3.18 -7.57
N SER F 168 30.40 2.40 -6.54
CA SER F 168 29.99 1.02 -6.75
C SER F 168 28.68 0.90 -7.50
N ASN F 169 27.89 1.97 -7.58
CA ASN F 169 26.62 1.96 -8.29
C ASN F 169 26.77 2.26 -9.77
N GLY F 170 27.99 2.42 -10.27
CA GLY F 170 28.21 2.71 -11.67
C GLY F 170 28.11 4.16 -12.06
N ASN F 171 27.99 5.07 -11.10
CA ASN F 171 27.88 6.49 -11.36
C ASN F 171 29.19 7.18 -11.01
N THR F 172 29.73 7.95 -11.96
CA THR F 172 30.84 8.85 -11.67
C THR F 172 30.30 10.20 -11.27
N TYR F 173 30.96 10.83 -10.30
CA TYR F 173 30.41 12.02 -9.68
C TYR F 173 31.26 13.24 -9.96
N LEU F 174 31.68 13.41 -11.21
CA LEU F 174 32.50 14.55 -11.63
C LEU F 174 31.63 15.53 -12.42
N TYR F 175 31.70 16.79 -12.03
CA TYR F 175 30.89 17.86 -12.61
C TYR F 175 31.80 18.88 -13.28
N TRP F 176 31.34 19.39 -14.42
CA TRP F 176 32.04 20.42 -15.18
C TRP F 176 31.18 21.67 -15.22
N PHE F 177 31.73 22.78 -14.71
CA PHE F 177 31.08 24.08 -14.67
C PHE F 177 31.86 25.06 -15.53
N LEU F 178 31.16 26.08 -16.02
CA LEU F 178 31.78 27.15 -16.79
C LEU F 178 31.41 28.49 -16.18
N GLN F 179 32.41 29.33 -15.96
CA GLN F 179 32.21 30.70 -15.50
C GLN F 179 32.68 31.64 -16.60
N ARG F 180 31.72 32.33 -17.21
CA ARG F 180 32.06 33.34 -18.21
C ARG F 180 32.60 34.60 -17.53
N PRO F 181 33.37 35.41 -18.23
CA PRO F 181 33.92 36.62 -17.63
C PRO F 181 32.81 37.53 -17.10
N GLY F 182 32.93 37.89 -15.82
CA GLY F 182 31.94 38.77 -15.20
C GLY F 182 30.55 38.18 -15.15
N GLN F 183 30.43 36.90 -14.85
CA GLN F 183 29.14 36.24 -14.80
C GLN F 183 29.20 35.07 -13.83
N SER F 184 28.04 34.70 -13.29
CA SER F 184 27.98 33.59 -12.34
C SER F 184 28.22 32.26 -13.07
N PRO F 185 28.78 31.28 -12.38
CA PRO F 185 29.03 29.98 -13.02
C PRO F 185 27.73 29.28 -13.40
N GLN F 186 27.82 28.47 -14.45
CA GLN F 186 26.69 27.68 -14.93
C GLN F 186 27.13 26.23 -15.08
N LEU F 187 26.18 25.32 -14.91
CA LEU F 187 26.48 23.90 -15.01
C LEU F 187 26.50 23.46 -16.47
N LEU F 188 27.62 22.87 -16.88
CA LEU F 188 27.73 22.28 -18.21
C LEU F 188 27.44 20.78 -18.19
N ILE F 189 28.16 20.01 -17.39
CA ILE F 189 28.04 18.56 -17.41
C ILE F 189 27.94 18.06 -15.97
N TYR F 190 26.98 17.17 -15.73
CA TYR F 190 26.84 16.51 -14.45
C TYR F 190 27.08 15.00 -14.61
N ARG F 191 27.72 14.42 -13.60
CA ARG F 191 28.09 13.00 -13.58
C ARG F 191 29.00 12.63 -14.74
N MET F 192 29.81 13.59 -15.19
CA MET F 192 30.95 13.37 -16.08
C MET F 192 30.51 13.01 -17.50
N SER F 193 29.23 12.74 -17.68
CA SER F 193 28.72 12.34 -18.99
C SER F 193 27.41 12.99 -19.39
N ASN F 194 26.61 13.49 -18.45
CA ASN F 194 25.29 13.98 -18.81
C ASN F 194 25.32 15.49 -19.01
N LEU F 195 24.58 15.94 -20.02
CA LEU F 195 24.55 17.34 -20.42
C LEU F 195 23.42 18.05 -19.68
N ALA F 196 23.76 19.16 -19.02
CA ALA F 196 22.76 19.96 -18.33
C ALA F 196 21.80 20.57 -19.35
N SER F 197 20.52 20.66 -18.96
CA SER F 197 19.51 21.22 -19.85
C SER F 197 19.76 22.70 -20.09
N GLY F 198 19.64 23.12 -21.34
CA GLY F 198 19.84 24.50 -21.72
C GLY F 198 21.21 24.84 -22.25
N VAL F 199 22.03 23.85 -22.58
CA VAL F 199 23.38 24.09 -23.11
C VAL F 199 23.47 23.42 -24.47
N PRO F 200 24.33 23.92 -25.35
CA PRO F 200 24.49 23.27 -26.67
C PRO F 200 25.08 21.89 -26.54
N ASP F 201 24.80 21.07 -27.56
CA ASP F 201 25.19 19.66 -27.55
C ASP F 201 26.65 19.44 -27.91
N ARG F 202 27.41 20.49 -28.20
CA ARG F 202 28.81 20.32 -28.58
C ARG F 202 29.68 19.89 -27.40
N PHE F 203 29.22 20.06 -26.17
CA PHE F 203 29.98 19.65 -25.00
C PHE F 203 29.84 18.15 -24.77
N SER F 204 30.91 17.53 -24.28
CA SER F 204 30.90 16.11 -23.99
C SER F 204 31.99 15.81 -22.96
N GLY F 205 31.74 14.81 -22.13
CA GLY F 205 32.67 14.42 -21.09
C GLY F 205 33.16 12.99 -21.25
N SER F 206 34.32 12.69 -20.67
CA SER F 206 34.92 11.37 -20.78
C SER F 206 35.71 11.08 -19.52
N GLY F 207 36.56 10.06 -19.58
CA GLY F 207 37.32 9.61 -18.43
C GLY F 207 36.68 8.43 -17.75
N SER F 208 37.52 7.65 -17.05
CA SER F 208 37.04 6.44 -16.40
C SER F 208 37.10 6.52 -14.88
N GLY F 209 38.28 6.69 -14.29
CA GLY F 209 38.35 6.77 -12.85
C GLY F 209 39.08 7.96 -12.26
N THR F 210 40.07 8.48 -12.97
CA THR F 210 40.89 9.53 -12.38
C THR F 210 41.07 10.73 -13.28
N ALA F 211 41.26 10.53 -14.58
CA ALA F 211 41.48 11.62 -15.52
C ALA F 211 40.22 11.82 -16.35
N PHE F 212 39.71 13.04 -16.35
CA PHE F 212 38.46 13.39 -17.00
C PHE F 212 38.69 14.49 -18.02
N THR F 213 37.99 14.40 -19.15
CA THR F 213 38.18 15.32 -20.26
C THR F 213 36.87 15.94 -20.69
N LEU F 214 36.85 17.26 -20.80
CA LEU F 214 35.80 17.99 -21.45
C LEU F 214 36.20 18.30 -22.89
N THR F 215 35.32 17.92 -23.83
CA THR F 215 35.60 18.06 -25.26
C THR F 215 34.64 19.11 -25.83
N ILE F 216 35.18 20.24 -26.25
CA ILE F 216 34.37 21.32 -26.81
C ILE F 216 34.60 21.28 -28.32
N SER F 217 33.56 20.92 -29.07
CA SER F 217 33.65 20.83 -30.52
C SER F 217 33.07 22.09 -31.15
N ARG F 218 33.78 22.60 -32.16
CA ARG F 218 33.37 23.80 -32.88
C ARG F 218 33.17 24.97 -31.93
N LEU F 219 34.22 25.27 -31.17
CA LEU F 219 34.18 26.34 -30.18
C LEU F 219 34.01 27.70 -30.87
N GLU F 220 33.26 28.59 -30.24
CA GLU F 220 33.11 29.96 -30.71
C GLU F 220 33.10 30.88 -29.49
N ALA F 221 32.77 32.14 -29.72
CA ALA F 221 32.67 33.09 -28.62
C ALA F 221 31.53 32.71 -27.68
N GLU F 222 31.45 33.46 -26.57
CA GLU F 222 30.45 33.25 -25.52
C GLU F 222 30.75 31.97 -24.76
N ASP F 223 31.74 31.20 -25.22
CA ASP F 223 32.20 30.01 -24.53
C ASP F 223 33.53 30.21 -23.84
N VAL F 224 34.17 31.37 -24.02
CA VAL F 224 35.42 31.64 -23.34
C VAL F 224 35.17 31.91 -21.86
N GLY F 225 36.24 31.82 -21.07
CA GLY F 225 36.11 31.96 -19.64
C GLY F 225 36.77 30.79 -18.95
N VAL F 226 36.49 30.64 -17.67
CA VAL F 226 37.16 29.60 -16.89
C VAL F 226 36.26 28.38 -16.79
N TYR F 227 36.89 27.21 -16.72
CA TYR F 227 36.20 25.94 -16.59
C TYR F 227 36.66 25.28 -15.30
N TYR F 228 35.70 24.77 -14.53
CA TYR F 228 35.94 24.24 -13.20
C TYR F 228 35.49 22.78 -13.13
N CYS F 229 36.30 21.95 -12.49
CA CYS F 229 35.94 20.57 -12.21
C CYS F 229 35.55 20.42 -10.74
N MET F 230 34.63 19.49 -10.49
CA MET F 230 34.11 19.30 -9.14
C MET F 230 33.85 17.83 -8.89
N GLN F 231 34.03 17.42 -7.64
CA GLN F 231 33.73 16.05 -7.20
C GLN F 231 32.48 16.08 -6.33
N HIS F 232 31.82 14.92 -6.24
CA HIS F 232 30.62 14.82 -5.41
C HIS F 232 30.54 13.48 -4.68
N LEU F 233 31.69 12.85 -4.42
CA LEU F 233 31.67 11.59 -3.69
C LEU F 233 31.72 11.81 -2.18
N GLU F 234 32.78 12.47 -1.70
CA GLU F 234 32.90 12.82 -0.29
C GLU F 234 32.53 14.28 -0.13
N TYR F 235 31.64 14.56 0.81
CA TYR F 235 31.01 15.87 0.88
C TYR F 235 31.95 17.05 1.14
N PRO F 236 33.17 16.86 1.66
CA PRO F 236 34.13 17.96 1.57
C PRO F 236 34.47 18.22 0.11
N LEU F 237 33.51 18.81 -0.61
CA LEU F 237 33.62 18.98 -2.05
C LEU F 237 34.80 19.87 -2.40
N THR F 238 35.59 19.44 -3.36
CA THR F 238 36.79 20.15 -3.77
C THR F 238 36.69 20.49 -5.25
N PHE F 239 36.91 21.76 -5.57
CA PHE F 239 36.96 22.21 -6.94
C PHE F 239 38.38 22.05 -7.48
N GLY F 240 38.64 22.61 -8.66
CA GLY F 240 39.97 22.65 -9.22
C GLY F 240 40.42 24.09 -9.44
N ALA F 241 41.66 24.23 -9.88
CA ALA F 241 42.17 25.56 -10.20
C ALA F 241 41.39 26.19 -11.34
N GLY F 242 40.83 25.37 -12.24
CA GLY F 242 40.08 25.88 -13.37
C GLY F 242 40.99 26.33 -14.49
N THR F 243 40.60 26.03 -15.72
CA THR F 243 41.40 26.38 -16.89
C THR F 243 40.70 27.52 -17.62
N LYS F 244 41.45 28.57 -17.95
CA LYS F 244 40.89 29.75 -18.58
C LYS F 244 41.11 29.69 -20.09
N LEU F 245 40.02 29.48 -20.83
CA LEU F 245 40.04 29.54 -22.28
C LEU F 245 39.90 31.02 -22.66
N GLU F 246 40.97 31.58 -23.23
CA GLU F 246 41.02 32.99 -23.58
C GLU F 246 41.23 33.14 -25.08
N LEU F 247 40.54 34.11 -25.67
CA LEU F 247 40.66 34.39 -27.10
C LEU F 247 41.90 35.22 -27.38
#